data_5HQN
#
_entry.id   5HQN
#
_cell.length_a   124.844
_cell.length_b   127.297
_cell.length_c   102.523
_cell.angle_alpha   90.00
_cell.angle_beta   121.67
_cell.angle_gamma   90.00
#
_symmetry.space_group_name_H-M   'C 1 2 1'
#
loop_
_entity.id
_entity.type
_entity.pdbx_description
1 polymer 'Sphingomyelin phosphodiesterase'
2 branched 2-acetamido-2-deoxy-beta-D-glucopyranose-(1-4)-2-acetamido-2-deoxy-beta-D-glucopyranose
3 branched 2-acetamido-2-deoxy-beta-D-glucopyranose-(1-4)-[alpha-L-fucopyranose-(1-6)]2-acetamido-2-deoxy-beta-D-glucopyranose
4 non-polymer 'ZINC ION'
5 non-polymer 'PHOSPHATE ION'
6 non-polymer 2-acetamido-2-deoxy-beta-D-glucopyranose
7 water water
#
_entity_poly.entity_id   1
_entity_poly.type   'polypeptide(L)'
_entity_poly.pdbx_seq_one_letter_code
;DRHHHHHHKLHWDIFSTWNISLPSVPKPPPKPPSPPAPGAPVSRVLFLTDLHWDHEYLEGTDPYCADPLCCRRGSGWPPN
SQKGAGFWGEYSKCDLPLRTLESLLKGLGPAGPFEMVYWTGDIPAHDVWQQSRQDQLRALTTITDLVRKFLGPVPVYPAV
GNHESTPVNGFPPPFIKGNQSSQWLYEAMAKAWEPWLPADALHTLRIGGFYALTPRPGLRLISLNMNFCSRENFWLLINS
TDPAGQLQWLVEELQAAENRGDKVHIIGHIPPGHCLKSWSWNYYKIIARYENTLAGQFFGHTHVDEFEIFYDEETLSRPL
AVAFLAPSATTFINLNPGYRVYQIDGNYPGSSHVVLDHETYILNLTQANAAGGTPSWKRLYRARETYGLPDAMPASWHNL
VYRMRDDEQLFQTFWFLYHKGHPPSEPCGTPCRLATLCAQLSARADSPALCRHLMPNGSLPDANRLWSRPLLC
;
_entity_poly.pdbx_strand_id   A,B
#
loop_
_chem_comp.id
_chem_comp.type
_chem_comp.name
_chem_comp.formula
FUC L-saccharide, alpha linking alpha-L-fucopyranose 'C6 H12 O5'
NAG D-saccharide, beta linking 2-acetamido-2-deoxy-beta-D-glucopyranose 'C8 H15 N O6'
PO4 non-polymer 'PHOSPHATE ION' 'O4 P -3'
ZN non-polymer 'ZINC ION' 'Zn 2'
#
# COMPACT_ATOMS: atom_id res chain seq x y z
N ASP A 13 -8.17 -32.28 2.01
CA ASP A 13 -8.86 -32.22 0.73
C ASP A 13 -10.35 -32.45 0.92
N ILE A 14 -10.83 -32.19 2.15
CA ILE A 14 -12.25 -32.39 2.44
C ILE A 14 -13.10 -31.38 1.67
N PHE A 15 -12.61 -30.16 1.52
CA PHE A 15 -13.34 -29.11 0.85
C PHE A 15 -12.75 -28.85 -0.53
N SER A 16 -13.60 -28.92 -1.55
CA SER A 16 -13.16 -28.76 -2.93
C SER A 16 -13.07 -27.29 -3.30
N THR A 17 -12.39 -27.02 -4.41
CA THR A 17 -12.29 -25.69 -4.98
C THR A 17 -13.31 -25.54 -6.09
N TRP A 18 -13.96 -24.38 -6.15
CA TRP A 18 -14.99 -24.11 -7.15
C TRP A 18 -14.92 -22.64 -7.55
N ASN A 19 -15.45 -22.34 -8.72
CA ASN A 19 -15.42 -21.00 -9.29
C ASN A 19 -16.84 -20.51 -9.57
N ILE A 20 -17.00 -19.20 -9.52
CA ILE A 20 -18.26 -18.54 -9.85
C ILE A 20 -17.99 -17.60 -11.00
N SER A 21 -18.81 -17.69 -12.04
CA SER A 21 -18.62 -16.88 -13.24
C SER A 21 -19.25 -15.50 -13.05
N LEU A 22 -18.50 -14.47 -13.40
CA LEU A 22 -19.01 -13.11 -13.42
C LEU A 22 -19.64 -12.82 -14.77
N PRO A 23 -20.66 -11.95 -14.81
CA PRO A 23 -21.36 -11.70 -16.08
C PRO A 23 -20.41 -11.15 -17.13
N SER A 24 -20.84 -11.24 -18.39
CA SER A 24 -20.03 -10.78 -19.51
C SER A 24 -19.87 -9.26 -19.56
N VAL A 25 -20.58 -8.53 -18.70
CA VAL A 25 -20.49 -7.07 -18.69
C VAL A 25 -19.07 -6.65 -18.34
N PRO A 26 -18.44 -5.78 -19.12
CA PRO A 26 -17.10 -5.31 -18.74
C PRO A 26 -17.15 -4.43 -17.51
N LYS A 27 -16.09 -4.52 -16.72
CA LYS A 27 -16.02 -3.75 -15.48
C LYS A 27 -15.81 -2.27 -15.82
N PRO A 28 -16.62 -1.36 -15.30
CA PRO A 28 -16.37 0.07 -15.54
C PRO A 28 -15.11 0.51 -14.82
N PRO A 29 -14.44 1.55 -15.31
CA PRO A 29 -13.20 1.99 -14.70
C PRO A 29 -13.43 2.32 -13.23
N PRO A 30 -12.49 1.96 -12.34
CA PRO A 30 -12.70 2.23 -10.93
C PRO A 30 -12.88 3.71 -10.68
N LYS A 31 -13.91 4.04 -9.89
CA LYS A 31 -14.23 5.43 -9.54
C LYS A 31 -14.59 5.48 -8.07
N PRO A 32 -13.60 5.61 -7.18
CA PRO A 32 -13.90 5.67 -5.75
C PRO A 32 -14.76 6.88 -5.43
N PRO A 33 -15.73 6.74 -4.52
CA PRO A 33 -16.65 7.86 -4.24
C PRO A 33 -15.91 9.14 -3.88
N SER A 34 -16.55 10.25 -4.15
CA SER A 34 -16.03 11.55 -3.77
C SER A 34 -16.66 12.03 -2.47
N PRO A 35 -15.92 12.74 -1.62
CA PRO A 35 -16.49 13.16 -0.34
C PRO A 35 -17.73 14.00 -0.54
N PRO A 36 -18.65 13.98 0.42
CA PRO A 36 -19.88 14.76 0.27
C PRO A 36 -19.60 16.26 0.34
N ALA A 37 -20.54 17.02 -0.22
CA ALA A 37 -20.43 18.46 -0.20
C ALA A 37 -20.45 18.98 1.23
N PRO A 38 -19.95 20.20 1.45
CA PRO A 38 -19.99 20.76 2.80
C PRO A 38 -21.42 20.86 3.30
N GLY A 39 -21.64 20.39 4.54
CA GLY A 39 -22.95 20.49 5.15
C GLY A 39 -24.01 19.59 4.56
N ALA A 40 -23.61 18.54 3.86
CA ALA A 40 -24.58 17.60 3.32
C ALA A 40 -25.27 16.82 4.44
N PRO A 41 -26.48 16.34 4.22
CA PRO A 41 -27.15 15.57 5.27
C PRO A 41 -26.46 14.25 5.54
N VAL A 42 -26.55 13.80 6.79
CA VAL A 42 -25.91 12.58 7.24
C VAL A 42 -26.94 11.75 8.01
N SER A 43 -26.98 10.46 7.71
CA SER A 43 -27.87 9.53 8.40
C SER A 43 -27.09 8.71 9.42
N ARG A 44 -27.79 8.28 10.47
CA ARG A 44 -27.20 7.49 11.55
C ARG A 44 -27.84 6.11 11.52
N VAL A 45 -27.01 5.08 11.43
CA VAL A 45 -27.45 3.69 11.35
C VAL A 45 -26.93 2.97 12.58
N LEU A 46 -27.85 2.43 13.38
CA LEU A 46 -27.48 1.62 14.53
C LEU A 46 -27.07 0.22 14.05
N PHE A 47 -26.07 -0.35 14.71
CA PHE A 47 -25.60 -1.68 14.36
C PHE A 47 -25.54 -2.55 15.62
N LEU A 48 -26.42 -3.53 15.70
CA LEU A 48 -26.44 -4.49 16.80
C LEU A 48 -25.98 -5.86 16.34
N THR A 49 -25.19 -6.53 17.16
CA THR A 49 -24.72 -7.86 16.80
C THR A 49 -24.32 -8.61 18.05
N ASP A 50 -24.55 -9.92 18.04
CA ASP A 50 -24.14 -10.81 19.11
C ASP A 50 -24.72 -10.36 20.45
N LEU A 51 -26.05 -10.27 20.49
CA LEU A 51 -26.73 -10.01 21.76
C LEU A 51 -26.51 -11.14 22.74
N HIS A 52 -26.57 -12.39 22.25
CA HIS A 52 -26.34 -13.56 23.09
C HIS A 52 -27.08 -13.47 24.42
N TRP A 53 -28.39 -13.72 24.39
CA TRP A 53 -29.22 -13.64 25.58
C TRP A 53 -29.29 -15.00 26.28
N ASP A 54 -28.91 -15.02 27.55
CA ASP A 54 -29.01 -16.21 28.38
C ASP A 54 -30.17 -16.04 29.35
N HIS A 55 -31.28 -16.72 29.07
CA HIS A 55 -32.42 -16.65 29.96
C HIS A 55 -32.17 -17.35 31.29
N GLU A 56 -31.09 -18.11 31.42
CA GLU A 56 -30.73 -18.76 32.67
C GLU A 56 -29.72 -17.96 33.47
N TYR A 57 -29.43 -16.73 33.07
CA TYR A 57 -28.48 -15.91 33.83
C TYR A 57 -29.02 -15.64 35.22
N LEU A 58 -28.15 -15.76 36.21
CA LEU A 58 -28.56 -15.61 37.61
C LEU A 58 -27.47 -14.87 38.37
N GLU A 59 -27.79 -13.65 38.80
CA GLU A 59 -26.87 -12.86 39.60
C GLU A 59 -26.34 -13.67 40.78
N GLY A 60 -25.05 -13.52 41.07
CA GLY A 60 -24.45 -14.12 42.23
C GLY A 60 -23.89 -15.51 42.03
N THR A 61 -24.22 -16.17 40.92
CA THR A 61 -23.68 -17.50 40.65
C THR A 61 -22.20 -17.42 40.28
N ASP A 62 -21.56 -18.58 40.24
CA ASP A 62 -20.13 -18.66 39.97
C ASP A 62 -19.83 -18.29 38.53
N PRO A 63 -19.11 -17.19 38.25
CA PRO A 63 -18.80 -16.84 36.87
C PRO A 63 -17.58 -17.53 36.30
N TYR A 64 -16.87 -18.32 37.12
CA TYR A 64 -15.65 -18.98 36.69
C TYR A 64 -15.77 -20.49 36.86
N CYS A 65 -16.88 -21.04 36.36
CA CYS A 65 -17.13 -22.48 36.45
C CYS A 65 -16.27 -23.21 35.43
N ALA A 66 -16.44 -24.54 35.38
CA ALA A 66 -15.69 -25.37 34.44
C ALA A 66 -16.45 -25.63 33.14
N ASP A 67 -17.65 -25.08 32.99
CA ASP A 67 -18.48 -25.36 31.83
C ASP A 67 -18.25 -24.31 30.76
N PRO A 68 -18.73 -24.58 29.54
CA PRO A 68 -18.57 -23.59 28.47
C PRO A 68 -19.17 -22.24 28.81
N LEU A 69 -20.34 -22.22 29.45
CA LEU A 69 -21.01 -20.99 29.83
C LEU A 69 -21.30 -21.02 31.33
N CYS A 70 -20.93 -19.95 32.03
CA CYS A 70 -21.14 -19.84 33.45
C CYS A 70 -22.16 -18.74 33.76
N CYS A 71 -22.25 -18.37 35.04
CA CYS A 71 -23.22 -17.39 35.51
C CYS A 71 -24.66 -17.93 35.45
N ARG A 72 -24.86 -19.17 35.87
CA ARG A 72 -26.16 -19.81 35.81
C ARG A 72 -26.40 -20.63 37.06
N ARG A 73 -27.64 -21.10 37.22
CA ARG A 73 -27.96 -21.99 38.34
C ARG A 73 -27.10 -23.24 38.31
N GLY A 74 -27.03 -23.90 37.15
CA GLY A 74 -26.22 -25.11 37.03
C GLY A 74 -24.74 -24.87 37.21
N SER A 75 -24.29 -23.61 37.13
CA SER A 75 -22.88 -23.29 37.31
C SER A 75 -22.46 -23.29 38.77
N GLY A 76 -23.40 -23.38 39.71
CA GLY A 76 -23.05 -23.36 41.11
C GLY A 76 -22.80 -21.95 41.61
N TRP A 77 -22.17 -21.87 42.77
CA TRP A 77 -21.84 -20.60 43.42
C TRP A 77 -20.39 -20.61 43.85
N PRO A 78 -19.79 -19.43 44.01
CA PRO A 78 -18.41 -19.37 44.53
C PRO A 78 -18.42 -19.32 46.05
N PRO A 79 -17.36 -19.81 46.69
CA PRO A 79 -17.32 -19.75 48.16
C PRO A 79 -17.32 -18.32 48.67
N ASN A 80 -16.57 -17.43 48.02
CA ASN A 80 -16.52 -16.02 48.40
C ASN A 80 -17.63 -15.28 47.66
N SER A 81 -18.65 -14.85 48.40
CA SER A 81 -19.80 -14.20 47.78
C SER A 81 -19.39 -12.96 46.98
N GLN A 82 -18.29 -12.30 47.37
CA GLN A 82 -17.83 -11.13 46.63
C GLN A 82 -17.53 -11.47 45.18
N LYS A 83 -17.09 -12.70 44.91
CA LYS A 83 -16.71 -13.12 43.58
C LYS A 83 -17.86 -13.71 42.78
N GLY A 84 -19.09 -13.27 43.04
CA GLY A 84 -20.26 -13.80 42.38
C GLY A 84 -20.73 -12.95 41.21
N ALA A 85 -21.48 -13.59 40.31
CA ALA A 85 -21.91 -12.94 39.09
C ALA A 85 -22.64 -11.64 39.38
N GLY A 86 -22.33 -10.61 38.60
CA GLY A 86 -22.91 -9.30 38.80
C GLY A 86 -24.33 -9.20 38.30
N PHE A 87 -24.96 -8.05 38.59
CA PHE A 87 -26.37 -7.86 38.30
C PHE A 87 -26.63 -7.65 36.81
N TRP A 88 -25.71 -6.98 36.12
CA TRP A 88 -25.91 -6.61 34.71
C TRP A 88 -25.04 -7.43 33.76
N GLY A 89 -24.34 -8.43 34.26
CA GLY A 89 -23.34 -9.16 33.51
C GLY A 89 -22.06 -9.30 34.30
N GLU A 90 -21.13 -10.06 33.72
CA GLU A 90 -19.86 -10.31 34.38
C GLU A 90 -18.74 -10.37 33.35
N TYR A 91 -17.53 -10.03 33.79
CA TYR A 91 -16.32 -10.13 32.96
C TYR A 91 -15.83 -11.58 33.02
N SER A 92 -16.44 -12.43 32.21
CA SER A 92 -16.11 -13.85 32.22
C SER A 92 -16.81 -14.48 31.01
N LYS A 93 -16.73 -15.81 30.92
CA LYS A 93 -17.41 -16.57 29.87
C LYS A 93 -18.90 -16.67 30.21
N CYS A 94 -19.54 -15.50 30.17
CA CYS A 94 -20.95 -15.37 30.51
C CYS A 94 -21.64 -14.51 29.46
N ASP A 95 -22.92 -14.79 29.24
CA ASP A 95 -23.72 -14.01 28.31
C ASP A 95 -24.59 -13.04 29.09
N LEU A 96 -25.50 -12.32 28.37
CA LEU A 96 -26.22 -11.20 28.96
C LEU A 96 -27.53 -11.63 29.61
N PRO A 97 -27.95 -10.95 30.67
CA PRO A 97 -29.34 -11.06 31.12
C PRO A 97 -30.24 -10.13 30.33
N LEU A 98 -31.53 -10.46 30.34
CA LEU A 98 -32.51 -9.62 29.66
C LEU A 98 -32.41 -8.17 30.11
N ARG A 99 -32.02 -7.93 31.37
CA ARG A 99 -31.88 -6.58 31.89
C ARG A 99 -31.02 -5.72 30.97
N THR A 100 -29.76 -6.15 30.76
CA THR A 100 -28.80 -5.34 30.03
C THR A 100 -29.26 -5.06 28.61
N LEU A 101 -29.85 -6.06 27.95
CA LEU A 101 -30.41 -5.86 26.62
C LEU A 101 -31.50 -4.80 26.66
N GLU A 102 -32.52 -5.01 27.48
CA GLU A 102 -33.59 -4.03 27.62
C GLU A 102 -33.05 -2.68 28.06
N SER A 103 -31.98 -2.70 28.85
CA SER A 103 -31.31 -1.45 29.22
C SER A 103 -30.58 -0.82 28.04
N LEU A 104 -30.04 -1.64 27.12
CA LEU A 104 -29.40 -1.10 25.94
C LEU A 104 -30.38 -0.32 25.08
N LEU A 105 -31.53 -0.92 24.77
CA LEU A 105 -32.51 -0.24 23.95
C LEU A 105 -33.01 1.03 24.63
N LYS A 106 -33.08 1.02 25.96
CA LYS A 106 -33.63 2.17 26.68
C LYS A 106 -32.75 3.39 26.52
N GLY A 107 -31.43 3.22 26.49
CA GLY A 107 -30.52 4.36 26.47
C GLY A 107 -30.00 4.72 25.09
N LEU A 108 -30.80 4.47 24.05
CA LEU A 108 -30.36 4.75 22.69
C LEU A 108 -30.54 6.21 22.31
N GLY A 109 -31.36 6.95 23.05
CA GLY A 109 -31.63 8.35 22.75
C GLY A 109 -30.38 9.16 22.46
N PRO A 110 -29.45 9.19 23.42
CA PRO A 110 -28.21 9.95 23.21
C PRO A 110 -27.48 9.56 21.94
N ALA A 111 -27.63 8.32 21.48
CA ALA A 111 -27.02 7.87 20.24
C ALA A 111 -27.74 8.41 19.01
N GLY A 112 -28.44 9.55 19.14
CA GLY A 112 -29.10 10.20 18.04
C GLY A 112 -30.22 9.34 17.50
N PRO A 113 -31.15 9.95 16.76
CA PRO A 113 -32.17 9.16 16.06
C PRO A 113 -31.53 8.36 14.94
N PHE A 114 -32.17 7.24 14.59
CA PHE A 114 -31.65 6.32 13.60
C PHE A 114 -32.56 6.27 12.38
N GLU A 115 -31.95 6.26 11.19
CA GLU A 115 -32.70 6.04 9.97
C GLU A 115 -32.93 4.56 9.72
N MET A 116 -32.00 3.71 10.14
CA MET A 116 -32.08 2.27 9.94
C MET A 116 -31.34 1.58 11.06
N VAL A 117 -31.52 0.28 11.14
CA VAL A 117 -30.80 -0.56 12.09
C VAL A 117 -30.39 -1.83 11.36
N TYR A 118 -29.14 -2.25 11.58
CA TYR A 118 -28.62 -3.50 11.06
C TYR A 118 -28.35 -4.43 12.24
N TRP A 119 -28.85 -5.66 12.15
CA TRP A 119 -28.79 -6.62 13.26
C TRP A 119 -28.29 -7.94 12.69
N THR A 120 -27.15 -8.44 13.19
CA THR A 120 -26.41 -9.50 12.51
C THR A 120 -26.17 -10.70 13.42
N GLY A 121 -27.25 -11.30 13.91
CA GLY A 121 -27.23 -12.66 14.41
C GLY A 121 -26.66 -12.84 15.81
N ASP A 122 -26.44 -14.12 16.14
CA ASP A 122 -25.98 -14.57 17.46
C ASP A 122 -26.90 -13.99 18.55
N ILE A 123 -28.10 -14.57 18.61
CA ILE A 123 -29.13 -14.13 19.54
C ILE A 123 -29.16 -15.03 20.78
N PRO A 124 -29.18 -16.35 20.63
CA PRO A 124 -29.17 -17.22 21.81
C PRO A 124 -27.81 -17.20 22.50
N ALA A 125 -27.77 -17.78 23.69
CA ALA A 125 -26.54 -17.89 24.47
C ALA A 125 -25.74 -19.11 24.02
N HIS A 126 -24.59 -19.33 24.66
CA HIS A 126 -23.67 -20.42 24.28
C HIS A 126 -23.95 -21.72 25.03
N ASP A 127 -25.21 -21.98 25.39
CA ASP A 127 -25.59 -23.24 26.04
C ASP A 127 -26.02 -24.24 24.97
N VAL A 128 -25.03 -24.64 24.16
CA VAL A 128 -25.31 -25.48 22.99
C VAL A 128 -25.87 -26.83 23.42
N TRP A 129 -25.23 -27.46 24.40
CA TRP A 129 -25.57 -28.84 24.74
C TRP A 129 -27.03 -28.99 25.13
N GLN A 130 -27.63 -27.97 25.74
CA GLN A 130 -29.03 -28.02 26.18
C GLN A 130 -29.80 -26.88 25.52
N GLN A 131 -30.02 -27.01 24.22
CA GLN A 131 -30.78 -26.03 23.46
C GLN A 131 -31.72 -26.76 22.50
N SER A 132 -33.00 -26.44 22.58
CA SER A 132 -34.00 -27.01 21.71
C SER A 132 -34.46 -25.99 20.66
N ARG A 133 -35.09 -26.49 19.60
CA ARG A 133 -35.67 -25.59 18.61
C ARG A 133 -36.65 -24.64 19.26
N GLN A 134 -37.43 -25.12 20.23
CA GLN A 134 -38.36 -24.26 20.93
C GLN A 134 -37.63 -23.14 21.67
N ASP A 135 -36.46 -23.46 22.24
CA ASP A 135 -35.68 -22.45 22.95
C ASP A 135 -35.15 -21.39 21.99
N GLN A 136 -34.68 -21.80 20.81
CA GLN A 136 -34.13 -20.84 19.87
C GLN A 136 -35.19 -19.87 19.39
N LEU A 137 -36.37 -20.38 19.02
CA LEU A 137 -37.45 -19.51 18.60
C LEU A 137 -37.87 -18.58 19.74
N ARG A 138 -37.85 -19.08 20.97
CA ARG A 138 -38.21 -18.24 22.10
C ARG A 138 -37.29 -17.04 22.21
N ALA A 139 -36.02 -17.23 21.89
CA ALA A 139 -35.10 -16.10 21.87
C ALA A 139 -35.40 -15.18 20.69
N LEU A 140 -35.53 -15.75 19.49
CA LEU A 140 -35.79 -14.96 18.30
C LEU A 140 -36.99 -14.05 18.48
N THR A 141 -38.13 -14.62 18.92
CA THR A 141 -39.35 -13.84 19.06
C THR A 141 -39.27 -12.87 20.22
N THR A 142 -38.67 -13.30 21.34
CA THR A 142 -38.62 -12.44 22.53
C THR A 142 -37.79 -11.18 22.25
N ILE A 143 -36.61 -11.35 21.68
CA ILE A 143 -35.75 -10.19 21.47
C ILE A 143 -36.16 -9.41 20.23
N THR A 144 -36.80 -10.06 19.25
CA THR A 144 -37.32 -9.31 18.12
C THR A 144 -38.42 -8.37 18.56
N ASP A 145 -39.37 -8.88 19.36
CA ASP A 145 -40.45 -8.03 19.88
C ASP A 145 -39.91 -6.90 20.74
N LEU A 146 -38.80 -7.14 21.46
CA LEU A 146 -38.23 -6.10 22.32
C LEU A 146 -37.58 -5.00 21.47
N VAL A 147 -36.80 -5.40 20.46
CA VAL A 147 -36.16 -4.41 19.58
C VAL A 147 -37.20 -3.56 18.88
N ARG A 148 -38.25 -4.20 18.34
CA ARG A 148 -39.31 -3.48 17.68
C ARG A 148 -40.10 -2.59 18.63
N LYS A 149 -40.14 -2.96 19.91
CA LYS A 149 -40.87 -2.16 20.89
C LYS A 149 -40.20 -0.81 21.11
N PHE A 150 -38.87 -0.81 21.22
CA PHE A 150 -38.13 0.42 21.51
C PHE A 150 -37.78 1.22 20.25
N LEU A 151 -37.58 0.57 19.11
CA LEU A 151 -37.28 1.32 17.91
C LEU A 151 -38.54 1.82 17.21
N GLY A 152 -39.65 1.11 17.36
CA GLY A 152 -40.92 1.56 16.84
C GLY A 152 -40.96 1.58 15.32
N PRO A 153 -41.12 2.76 14.71
CA PRO A 153 -41.22 2.82 13.25
C PRO A 153 -39.90 2.55 12.54
N VAL A 154 -38.77 2.82 13.18
CA VAL A 154 -37.48 2.67 12.49
C VAL A 154 -37.32 1.22 12.06
N PRO A 155 -37.03 0.92 10.80
CA PRO A 155 -36.93 -0.48 10.37
C PRO A 155 -35.61 -1.09 10.80
N VAL A 156 -35.67 -2.38 11.14
CA VAL A 156 -34.48 -3.18 11.46
C VAL A 156 -34.34 -4.23 10.37
N TYR A 157 -33.15 -4.34 9.81
CA TYR A 157 -32.85 -5.31 8.77
C TYR A 157 -31.89 -6.36 9.35
N PRO A 158 -32.37 -7.55 9.69
CA PRO A 158 -31.51 -8.51 10.40
C PRO A 158 -30.76 -9.44 9.46
N ALA A 159 -29.88 -10.24 10.06
CA ALA A 159 -29.13 -11.25 9.33
C ALA A 159 -28.96 -12.47 10.23
N VAL A 160 -28.75 -13.62 9.59
CA VAL A 160 -28.75 -14.89 10.30
C VAL A 160 -27.37 -15.14 10.88
N GLY A 161 -27.32 -15.53 12.15
CA GLY A 161 -26.08 -15.91 12.80
C GLY A 161 -25.90 -17.41 12.90
N ASN A 162 -24.75 -17.81 13.45
CA ASN A 162 -24.41 -19.21 13.52
C ASN A 162 -24.98 -19.91 14.77
N HIS A 163 -25.53 -19.15 15.71
CA HIS A 163 -26.11 -19.73 16.93
C HIS A 163 -27.63 -19.84 16.88
N GLU A 164 -28.26 -19.44 15.77
CA GLU A 164 -29.71 -19.37 15.74
C GLU A 164 -30.37 -20.75 15.74
N SER A 165 -29.76 -21.74 15.09
CA SER A 165 -30.35 -23.06 15.01
C SER A 165 -29.76 -23.99 16.06
N THR A 166 -30.20 -25.24 16.03
CA THR A 166 -29.63 -26.31 16.86
C THR A 166 -29.56 -27.59 16.03
N PRO A 167 -28.40 -28.28 16.04
CA PRO A 167 -27.15 -27.95 16.74
C PRO A 167 -26.53 -26.66 16.23
N VAL A 168 -25.60 -26.09 17.00
CA VAL A 168 -24.96 -24.85 16.59
C VAL A 168 -24.26 -25.05 15.25
N ASN A 169 -24.36 -24.02 14.39
CA ASN A 169 -23.71 -23.98 13.09
C ASN A 169 -24.36 -24.90 12.06
N GLY A 170 -25.41 -25.62 12.43
CA GLY A 170 -26.07 -26.55 11.51
C GLY A 170 -27.11 -25.88 10.63
N PHE A 171 -26.70 -25.53 9.41
CA PHE A 171 -27.56 -24.86 8.44
C PHE A 171 -27.52 -25.63 7.13
N PRO A 172 -28.36 -26.66 6.98
CA PRO A 172 -28.31 -27.45 5.75
C PRO A 172 -28.66 -26.59 4.55
N PRO A 173 -28.04 -26.86 3.40
CA PRO A 173 -28.43 -26.15 2.18
C PRO A 173 -29.86 -26.51 1.80
N PRO A 174 -30.43 -25.82 0.80
CA PRO A 174 -31.82 -26.12 0.43
C PRO A 174 -32.05 -27.54 -0.07
N PHE A 175 -31.08 -28.16 -0.73
CA PHE A 175 -31.33 -29.48 -1.30
C PHE A 175 -31.65 -30.51 -0.23
N ILE A 176 -31.20 -30.30 1.00
CA ILE A 176 -31.64 -31.11 2.13
C ILE A 176 -33.04 -30.63 2.54
N LYS A 177 -34.04 -31.48 2.36
CA LYS A 177 -35.43 -31.11 2.53
C LYS A 177 -36.04 -31.87 3.70
N GLY A 178 -37.26 -31.46 4.05
CA GLY A 178 -37.99 -32.11 5.12
C GLY A 178 -37.76 -31.45 6.46
N ASN A 179 -38.18 -32.18 7.50
CA ASN A 179 -38.08 -31.64 8.85
C ASN A 179 -36.63 -31.39 9.25
N GLN A 180 -35.69 -32.16 8.70
CA GLN A 180 -34.29 -31.98 9.06
C GLN A 180 -33.72 -30.66 8.59
N SER A 181 -34.37 -30.00 7.63
CA SER A 181 -33.89 -28.72 7.12
C SER A 181 -34.12 -27.61 8.16
N SER A 182 -33.55 -26.45 7.85
CA SER A 182 -33.71 -25.27 8.70
C SER A 182 -34.92 -24.43 8.30
N GLN A 183 -35.92 -25.04 7.66
CA GLN A 183 -37.12 -24.30 7.31
C GLN A 183 -37.93 -23.93 8.53
N TRP A 184 -37.78 -24.67 9.64
CA TRP A 184 -38.43 -24.28 10.88
C TRP A 184 -37.94 -22.92 11.36
N LEU A 185 -36.69 -22.59 11.05
CA LEU A 185 -36.06 -21.35 11.52
C LEU A 185 -36.32 -20.19 10.56
N TYR A 186 -36.16 -20.42 9.25
CA TYR A 186 -36.42 -19.36 8.28
C TYR A 186 -37.89 -18.98 8.26
N GLU A 187 -38.78 -19.97 8.41
CA GLU A 187 -40.22 -19.68 8.48
C GLU A 187 -40.51 -18.74 9.65
N ALA A 188 -40.01 -19.07 10.84
CA ALA A 188 -40.25 -18.23 12.00
C ALA A 188 -39.61 -16.85 11.84
N MET A 189 -38.45 -16.80 11.17
CA MET A 189 -37.83 -15.52 10.91
C MET A 189 -38.70 -14.65 10.02
N ALA A 190 -39.33 -15.26 9.02
CA ALA A 190 -40.21 -14.50 8.13
C ALA A 190 -41.41 -13.96 8.89
N LYS A 191 -41.95 -14.75 9.81
CA LYS A 191 -43.09 -14.27 10.60
C LYS A 191 -42.64 -13.18 11.57
N ALA A 192 -41.48 -13.38 12.21
CA ALA A 192 -41.04 -12.43 13.22
C ALA A 192 -40.64 -11.10 12.58
N TRP A 193 -40.03 -11.15 11.39
CA TRP A 193 -39.47 -9.97 10.75
C TRP A 193 -40.40 -9.37 9.69
N GLU A 194 -41.60 -9.91 9.54
CA GLU A 194 -42.54 -9.40 8.54
C GLU A 194 -42.78 -7.90 8.66
N PRO A 195 -42.88 -7.31 9.87
CA PRO A 195 -43.09 -5.86 9.94
C PRO A 195 -41.95 -5.06 9.35
N TRP A 196 -40.78 -5.67 9.15
CA TRP A 196 -39.60 -4.95 8.72
C TRP A 196 -39.23 -5.15 7.27
N LEU A 197 -39.62 -6.26 6.66
CA LEU A 197 -39.14 -6.62 5.34
C LEU A 197 -40.30 -6.74 4.34
N PRO A 198 -40.09 -6.34 3.08
CA PRO A 198 -41.14 -6.51 2.07
C PRO A 198 -41.30 -7.96 1.63
N ALA A 199 -42.29 -8.21 0.76
CA ALA A 199 -42.66 -9.58 0.41
C ALA A 199 -41.53 -10.32 -0.30
N ASP A 200 -40.97 -9.70 -1.36
CA ASP A 200 -39.91 -10.37 -2.12
C ASP A 200 -38.72 -10.69 -1.24
N ALA A 201 -38.48 -9.90 -0.18
CA ALA A 201 -37.39 -10.22 0.74
C ALA A 201 -37.74 -11.43 1.58
N LEU A 202 -38.98 -11.52 2.05
CA LEU A 202 -39.39 -12.67 2.84
C LEU A 202 -39.36 -13.95 2.02
N HIS A 203 -39.71 -13.86 0.74
CA HIS A 203 -39.68 -15.04 -0.12
C HIS A 203 -38.30 -15.67 -0.11
N THR A 204 -37.26 -14.87 -0.33
CA THR A 204 -35.90 -15.39 -0.32
C THR A 204 -35.49 -15.81 1.08
N LEU A 205 -35.97 -15.09 2.11
CA LEU A 205 -35.62 -15.39 3.48
C LEU A 205 -36.06 -16.80 3.86
N ARG A 206 -37.30 -17.16 3.51
CA ARG A 206 -37.84 -18.47 3.87
C ARG A 206 -37.06 -19.60 3.24
N ILE A 207 -36.36 -19.36 2.14
CA ILE A 207 -35.67 -20.42 1.40
C ILE A 207 -34.26 -20.60 1.92
N GLY A 208 -33.44 -19.56 1.80
CA GLY A 208 -32.02 -19.67 2.13
C GLY A 208 -31.57 -18.82 3.29
N GLY A 209 -32.48 -18.02 3.85
CA GLY A 209 -32.13 -17.16 4.95
C GLY A 209 -31.46 -15.85 4.56
N PHE A 210 -31.45 -15.52 3.27
CA PHE A 210 -30.90 -14.25 2.79
C PHE A 210 -31.94 -13.54 1.95
N TYR A 211 -31.73 -12.25 1.74
CA TYR A 211 -32.71 -11.44 1.03
C TYR A 211 -32.03 -10.15 0.59
N ALA A 212 -32.77 -9.36 -0.19
CA ALA A 212 -32.32 -8.06 -0.65
C ALA A 212 -33.52 -7.13 -0.80
N LEU A 213 -33.32 -5.85 -0.50
CA LEU A 213 -34.38 -4.86 -0.59
C LEU A 213 -33.73 -3.48 -0.68
N THR A 214 -34.57 -2.45 -0.88
CA THR A 214 -34.09 -1.08 -0.94
C THR A 214 -34.59 -0.32 0.29
N PRO A 215 -33.73 -0.05 1.28
CA PRO A 215 -34.20 0.74 2.42
C PRO A 215 -34.54 2.18 2.06
N ARG A 216 -33.83 2.77 1.10
CA ARG A 216 -34.07 4.13 0.68
C ARG A 216 -33.72 4.24 -0.79
N PRO A 217 -34.11 5.34 -1.45
CA PRO A 217 -33.83 5.47 -2.89
C PRO A 217 -32.35 5.50 -3.18
N GLY A 218 -31.95 4.73 -4.19
CA GLY A 218 -30.56 4.68 -4.61
C GLY A 218 -29.70 3.72 -3.84
N LEU A 219 -30.22 3.08 -2.81
CA LEU A 219 -29.47 2.13 -2.00
C LEU A 219 -30.13 0.77 -2.07
N ARG A 220 -29.32 -0.27 -1.98
CA ARG A 220 -29.78 -1.65 -2.03
C ARG A 220 -29.09 -2.40 -0.91
N LEU A 221 -29.88 -2.95 0.02
CA LEU A 221 -29.34 -3.71 1.13
C LEU A 221 -29.43 -5.20 0.82
N ILE A 222 -28.31 -5.90 1.03
CA ILE A 222 -28.23 -7.34 0.81
C ILE A 222 -27.82 -7.97 2.13
N SER A 223 -28.66 -8.86 2.64
CA SER A 223 -28.36 -9.59 3.87
C SER A 223 -27.98 -11.01 3.47
N LEU A 224 -26.75 -11.40 3.78
CA LEU A 224 -26.23 -12.70 3.38
C LEU A 224 -26.24 -13.66 4.57
N ASN A 225 -26.46 -14.94 4.26
CA ASN A 225 -26.42 -16.00 5.26
C ASN A 225 -25.02 -16.60 5.19
N MET A 226 -24.15 -16.15 6.10
CA MET A 226 -22.75 -16.54 6.07
C MET A 226 -22.54 -17.96 6.60
N ASN A 227 -23.58 -18.61 7.11
CA ASN A 227 -23.43 -19.98 7.57
C ASN A 227 -23.11 -20.93 6.40
N PHE A 228 -23.42 -20.53 5.17
CA PHE A 228 -23.04 -21.29 4.00
C PHE A 228 -21.57 -21.13 3.63
N CYS A 229 -20.82 -20.34 4.40
CA CYS A 229 -19.38 -20.19 4.22
C CYS A 229 -18.58 -20.70 5.41
N SER A 230 -19.24 -21.09 6.50
CA SER A 230 -18.55 -21.32 7.76
C SER A 230 -17.83 -22.67 7.77
N ARG A 231 -16.60 -22.65 8.28
CA ARG A 231 -15.87 -23.90 8.51
C ARG A 231 -16.57 -24.78 9.53
N GLU A 232 -17.45 -24.20 10.34
CA GLU A 232 -18.11 -24.94 11.41
C GLU A 232 -19.38 -25.64 10.94
N ASN A 233 -19.97 -25.23 9.82
CA ASN A 233 -21.21 -25.84 9.34
C ASN A 233 -20.91 -27.23 8.82
N PHE A 234 -21.12 -28.24 9.67
CA PHE A 234 -20.79 -29.61 9.29
C PHE A 234 -21.56 -30.05 8.04
N TRP A 235 -22.73 -29.47 7.78
CA TRP A 235 -23.49 -29.86 6.61
C TRP A 235 -22.70 -29.64 5.33
N LEU A 236 -21.85 -28.61 5.29
CA LEU A 236 -21.11 -28.30 4.08
C LEU A 236 -20.10 -29.38 3.69
N LEU A 237 -19.87 -30.36 4.57
CA LEU A 237 -18.99 -31.48 4.20
C LEU A 237 -19.59 -32.32 3.08
N ILE A 238 -20.90 -32.22 2.86
CA ILE A 238 -21.51 -32.93 1.73
C ILE A 238 -21.17 -32.22 0.43
N ASN A 239 -21.59 -30.96 0.31
CA ASN A 239 -21.24 -30.14 -0.85
C ASN A 239 -21.09 -28.71 -0.36
N SER A 240 -19.92 -28.12 -0.59
CA SER A 240 -19.64 -26.74 -0.18
C SER A 240 -19.63 -25.79 -1.37
N THR A 241 -20.11 -26.22 -2.53
CA THR A 241 -20.09 -25.41 -3.73
C THR A 241 -21.27 -24.44 -3.71
N ASP A 242 -20.98 -23.17 -3.41
CA ASP A 242 -21.95 -22.09 -3.39
C ASP A 242 -23.31 -22.57 -2.86
N PRO A 243 -23.36 -23.02 -1.60
CA PRO A 243 -24.63 -23.50 -1.05
C PRO A 243 -25.75 -22.47 -1.27
N ALA A 244 -26.91 -22.98 -1.65
CA ALA A 244 -28.11 -22.18 -1.91
C ALA A 244 -27.94 -21.25 -3.10
N GLY A 245 -26.88 -21.41 -3.88
CA GLY A 245 -26.62 -20.50 -4.98
C GLY A 245 -26.59 -19.05 -4.55
N GLN A 246 -26.07 -18.77 -3.35
CA GLN A 246 -26.13 -17.42 -2.81
C GLN A 246 -25.15 -16.49 -3.53
N LEU A 247 -23.91 -16.94 -3.73
CA LEU A 247 -22.94 -16.09 -4.42
C LEU A 247 -23.41 -15.74 -5.82
N GLN A 248 -23.93 -16.72 -6.57
CA GLN A 248 -24.48 -16.43 -7.89
C GLN A 248 -25.62 -15.43 -7.79
N TRP A 249 -26.51 -15.62 -6.81
CA TRP A 249 -27.58 -14.66 -6.56
C TRP A 249 -27.01 -13.29 -6.24
N LEU A 250 -25.94 -13.24 -5.45
CA LEU A 250 -25.31 -11.98 -5.09
C LEU A 250 -24.80 -11.25 -6.34
N VAL A 251 -24.18 -11.99 -7.25
CA VAL A 251 -23.69 -11.38 -8.49
C VAL A 251 -24.84 -10.75 -9.26
N GLU A 252 -25.99 -11.44 -9.35
CA GLU A 252 -27.11 -10.88 -10.10
C GLU A 252 -27.64 -9.60 -9.44
N GLU A 253 -27.72 -9.58 -8.11
CA GLU A 253 -28.15 -8.37 -7.40
C GLU A 253 -27.17 -7.23 -7.64
N LEU A 254 -25.87 -7.49 -7.49
CA LEU A 254 -24.87 -6.44 -7.64
C LEU A 254 -24.86 -5.91 -9.07
N GLN A 255 -24.87 -6.83 -10.05
CA GLN A 255 -24.88 -6.41 -11.44
C GLN A 255 -26.13 -5.61 -11.76
N ALA A 256 -27.28 -5.98 -11.18
CA ALA A 256 -28.49 -5.23 -11.43
C ALA A 256 -28.42 -3.82 -10.83
N ALA A 257 -27.74 -3.68 -9.69
CA ALA A 257 -27.57 -2.37 -9.08
C ALA A 257 -26.57 -1.53 -9.85
N GLU A 258 -25.55 -2.15 -10.42
CA GLU A 258 -24.64 -1.44 -11.32
C GLU A 258 -25.41 -0.87 -12.52
N ASN A 259 -26.33 -1.66 -13.09
CA ASN A 259 -27.11 -1.19 -14.23
C ASN A 259 -28.00 -0.02 -13.85
N ARG A 260 -28.58 -0.06 -12.64
CA ARG A 260 -29.44 1.02 -12.16
C ARG A 260 -28.65 2.18 -11.56
N GLY A 261 -27.34 2.02 -11.38
CA GLY A 261 -26.56 3.05 -10.72
C GLY A 261 -26.76 3.13 -9.22
N ASP A 262 -27.36 2.10 -8.60
CA ASP A 262 -27.56 2.12 -7.17
C ASP A 262 -26.29 1.70 -6.44
N LYS A 263 -26.24 2.03 -5.16
CA LYS A 263 -25.18 1.57 -4.27
C LYS A 263 -25.70 0.42 -3.42
N VAL A 264 -24.76 -0.33 -2.84
CA VAL A 264 -25.11 -1.57 -2.15
C VAL A 264 -24.44 -1.60 -0.78
N HIS A 265 -25.23 -1.89 0.25
CA HIS A 265 -24.71 -2.27 1.56
C HIS A 265 -24.92 -3.76 1.73
N ILE A 266 -23.86 -4.46 2.13
CA ILE A 266 -23.92 -5.89 2.42
C ILE A 266 -23.78 -6.05 3.93
N ILE A 267 -24.61 -6.93 4.51
CA ILE A 267 -24.54 -7.26 5.93
C ILE A 267 -24.53 -8.78 6.10
N GLY A 268 -23.94 -9.22 7.21
CA GLY A 268 -23.84 -10.64 7.50
C GLY A 268 -23.27 -10.83 8.88
N HIS A 269 -23.12 -12.09 9.28
CA HIS A 269 -22.65 -12.38 10.62
C HIS A 269 -21.15 -12.66 10.61
N ILE A 270 -20.74 -13.76 9.99
CA ILE A 270 -19.33 -14.13 9.92
C ILE A 270 -18.64 -13.28 8.86
N PRO A 271 -17.58 -12.54 9.17
CA PRO A 271 -16.91 -11.75 8.14
C PRO A 271 -16.22 -12.65 7.13
N PRO A 272 -16.14 -12.24 5.86
CA PRO A 272 -15.62 -13.13 4.81
C PRO A 272 -14.20 -13.62 5.07
N GLY A 273 -13.46 -12.99 5.97
CA GLY A 273 -12.13 -13.49 6.29
C GLY A 273 -12.15 -14.81 7.04
N HIS A 274 -13.22 -15.06 7.81
CA HIS A 274 -13.36 -16.28 8.58
C HIS A 274 -14.11 -17.38 7.83
N CYS A 275 -14.27 -17.24 6.53
CA CYS A 275 -14.99 -18.21 5.73
C CYS A 275 -14.05 -19.29 5.20
N LEU A 276 -14.65 -20.35 4.67
CA LEU A 276 -13.90 -21.35 3.93
C LEU A 276 -13.17 -20.68 2.77
N LYS A 277 -12.13 -21.36 2.27
CA LYS A 277 -11.24 -20.74 1.28
C LYS A 277 -12.00 -20.35 0.02
N SER A 278 -12.62 -21.32 -0.65
CA SER A 278 -13.24 -21.05 -1.94
C SER A 278 -14.34 -19.99 -1.82
N TRP A 279 -15.18 -20.10 -0.78
CA TRP A 279 -16.20 -19.08 -0.57
C TRP A 279 -15.57 -17.71 -0.38
N SER A 280 -14.59 -17.62 0.51
CA SER A 280 -13.90 -16.36 0.74
C SER A 280 -13.24 -15.85 -0.54
N TRP A 281 -12.60 -16.74 -1.28
CA TRP A 281 -11.89 -16.31 -2.49
C TRP A 281 -12.88 -15.83 -3.55
N ASN A 282 -13.92 -16.61 -3.83
CA ASN A 282 -14.92 -16.16 -4.79
C ASN A 282 -15.56 -14.85 -4.33
N TYR A 283 -15.82 -14.72 -3.03
CA TYR A 283 -16.36 -13.47 -2.51
C TYR A 283 -15.39 -12.33 -2.77
N TYR A 284 -14.09 -12.59 -2.67
CA TYR A 284 -13.09 -11.52 -2.79
C TYR A 284 -13.11 -10.91 -4.20
N LYS A 285 -13.29 -11.75 -5.22
CA LYS A 285 -13.28 -11.24 -6.59
C LYS A 285 -14.60 -10.52 -6.93
N ILE A 286 -15.70 -10.91 -6.29
CA ILE A 286 -16.96 -10.22 -6.52
C ILE A 286 -16.89 -8.80 -5.99
N ILE A 287 -16.34 -8.63 -4.78
CA ILE A 287 -16.14 -7.28 -4.24
C ILE A 287 -15.35 -6.44 -5.23
N ALA A 288 -14.16 -6.92 -5.60
CA ALA A 288 -13.29 -6.16 -6.48
C ALA A 288 -13.96 -5.80 -7.79
N ARG A 289 -14.78 -6.73 -8.33
CA ARG A 289 -15.46 -6.45 -9.59
C ARG A 289 -16.46 -5.30 -9.42
N TYR A 290 -17.21 -5.29 -8.32
CA TYR A 290 -18.27 -4.30 -8.09
C TYR A 290 -17.85 -3.26 -7.04
N GLU A 291 -16.57 -2.86 -7.07
CA GLU A 291 -16.10 -1.85 -6.12
C GLU A 291 -16.84 -0.54 -6.26
N ASN A 292 -17.27 -0.18 -7.47
CA ASN A 292 -17.99 1.07 -7.66
C ASN A 292 -19.40 0.99 -7.09
N THR A 293 -19.99 -0.20 -7.10
CA THR A 293 -21.35 -0.38 -6.62
C THR A 293 -21.42 -0.56 -5.11
N LEU A 294 -20.39 -1.15 -4.50
CA LEU A 294 -20.40 -1.36 -3.06
C LEU A 294 -20.13 -0.04 -2.34
N ALA A 295 -20.93 0.22 -1.30
CA ALA A 295 -20.79 1.40 -0.47
C ALA A 295 -20.53 1.07 0.99
N GLY A 296 -20.64 -0.19 1.39
CA GLY A 296 -20.43 -0.56 2.77
C GLY A 296 -20.57 -2.05 2.99
N GLN A 297 -19.81 -2.58 3.94
CA GLN A 297 -19.89 -3.97 4.37
C GLN A 297 -19.82 -4.01 5.88
N PHE A 298 -20.77 -4.73 6.49
CA PHE A 298 -20.94 -4.74 7.93
C PHE A 298 -21.15 -6.17 8.40
N PHE A 299 -20.28 -6.64 9.30
CA PHE A 299 -20.33 -8.00 9.80
C PHE A 299 -20.18 -7.96 11.33
N GLY A 300 -20.26 -9.14 11.95
CA GLY A 300 -20.07 -9.24 13.38
C GLY A 300 -19.31 -10.51 13.73
N HIS A 301 -19.88 -11.30 14.64
CA HIS A 301 -19.36 -12.63 14.97
C HIS A 301 -18.11 -12.58 15.84
N THR A 302 -17.14 -11.74 15.50
CA THR A 302 -15.87 -11.75 16.21
C THR A 302 -15.98 -11.21 17.63
N HIS A 303 -17.08 -10.54 17.97
CA HIS A 303 -17.34 -9.95 19.28
C HIS A 303 -16.41 -8.79 19.60
N VAL A 304 -15.46 -8.47 18.72
CA VAL A 304 -14.43 -7.49 19.03
C VAL A 304 -14.40 -6.44 17.92
N ASP A 305 -13.86 -5.26 18.25
CA ASP A 305 -13.82 -4.16 17.31
C ASP A 305 -12.67 -4.35 16.32
N GLU A 306 -13.00 -4.43 15.04
CA GLU A 306 -12.03 -4.74 14.00
C GLU A 306 -12.53 -4.17 12.68
N PHE A 307 -11.77 -4.46 11.62
CA PHE A 307 -12.17 -4.19 10.25
C PHE A 307 -11.31 -5.05 9.35
N GLU A 308 -11.76 -5.19 8.09
CA GLU A 308 -11.05 -5.96 7.07
C GLU A 308 -11.02 -5.17 5.78
N ILE A 309 -9.82 -5.01 5.21
CA ILE A 309 -9.61 -4.24 3.99
C ILE A 309 -9.56 -5.19 2.80
N PHE A 310 -10.18 -4.79 1.71
CA PHE A 310 -10.13 -5.53 0.46
C PHE A 310 -9.21 -4.82 -0.52
N TYR A 311 -8.51 -5.60 -1.35
CA TYR A 311 -7.60 -5.08 -2.36
C TYR A 311 -7.99 -5.63 -3.72
N ASP A 312 -7.40 -5.06 -4.76
CA ASP A 312 -7.56 -5.58 -6.11
C ASP A 312 -7.05 -7.02 -6.18
N GLU A 313 -7.74 -7.86 -6.95
CA GLU A 313 -7.51 -9.31 -6.89
C GLU A 313 -6.11 -9.68 -7.37
N GLU A 314 -5.69 -9.13 -8.52
CA GLU A 314 -4.47 -9.61 -9.17
C GLU A 314 -3.23 -9.28 -8.36
N THR A 315 -3.05 -8.02 -7.96
CA THR A 315 -1.83 -7.57 -7.31
C THR A 315 -1.97 -7.31 -5.82
N LEU A 316 -3.19 -7.26 -5.30
CA LEU A 316 -3.41 -7.02 -3.86
C LEU A 316 -2.74 -5.73 -3.42
N SER A 317 -2.75 -4.71 -4.30
CA SER A 317 -2.02 -3.48 -4.06
C SER A 317 -2.92 -2.30 -3.72
N ARG A 318 -3.95 -2.06 -4.51
CA ARG A 318 -4.81 -0.92 -4.30
C ARG A 318 -5.96 -1.30 -3.36
N PRO A 319 -6.08 -0.69 -2.17
CA PRO A 319 -7.25 -0.97 -1.34
C PRO A 319 -8.48 -0.31 -1.95
N LEU A 320 -9.58 -1.05 -1.96
CA LEU A 320 -10.79 -0.64 -2.66
C LEU A 320 -12.09 -0.87 -1.88
N ALA A 321 -12.03 -1.34 -0.64
CA ALA A 321 -13.22 -1.55 0.18
C ALA A 321 -12.81 -1.94 1.59
N VAL A 322 -13.73 -1.74 2.53
CA VAL A 322 -13.50 -2.08 3.93
C VAL A 322 -14.76 -2.71 4.49
N ALA A 323 -14.58 -3.72 5.34
CA ALA A 323 -15.69 -4.34 6.06
C ALA A 323 -15.51 -4.02 7.53
N PHE A 324 -16.47 -3.31 8.11
CA PHE A 324 -16.43 -2.94 9.51
C PHE A 324 -17.03 -4.07 10.33
N LEU A 325 -16.26 -4.59 11.29
CA LEU A 325 -16.65 -5.69 12.16
C LEU A 325 -16.97 -5.14 13.55
N ALA A 326 -18.24 -4.85 13.81
CA ALA A 326 -18.62 -4.18 15.04
C ALA A 326 -18.47 -5.11 16.25
N PRO A 327 -18.34 -4.54 17.44
CA PRO A 327 -18.16 -5.37 18.64
C PRO A 327 -19.48 -5.86 19.20
N SER A 328 -19.37 -6.86 20.07
CA SER A 328 -20.55 -7.55 20.55
C SER A 328 -21.29 -6.70 21.59
N ALA A 329 -22.58 -6.99 21.71
CA ALA A 329 -23.33 -6.51 22.86
C ALA A 329 -23.04 -7.31 24.11
N THR A 330 -22.59 -8.55 23.96
CA THR A 330 -22.42 -9.44 25.10
C THR A 330 -21.02 -9.29 25.70
N THR A 331 -20.89 -9.79 26.93
CA THR A 331 -19.63 -9.79 27.64
C THR A 331 -18.70 -10.91 27.21
N PHE A 332 -19.24 -12.00 26.69
CA PHE A 332 -18.46 -13.15 26.20
C PHE A 332 -17.32 -12.70 25.27
N ILE A 333 -16.05 -12.79 25.65
CA ILE A 333 -15.54 -13.17 26.97
C ILE A 333 -14.73 -12.04 27.55
N ASN A 334 -15.02 -11.67 28.79
CA ASN A 334 -14.24 -10.65 29.50
C ASN A 334 -14.30 -9.31 28.76
N LEU A 335 -15.50 -8.94 28.30
CA LEU A 335 -15.71 -7.74 27.50
C LEU A 335 -16.80 -6.87 28.08
N ASN A 336 -16.70 -5.59 27.84
CA ASN A 336 -17.81 -4.70 28.16
C ASN A 336 -18.90 -4.82 27.09
N PRO A 337 -20.17 -4.76 27.47
CA PRO A 337 -21.22 -4.68 26.45
C PRO A 337 -21.14 -3.36 25.71
N GLY A 338 -21.33 -3.42 24.39
CA GLY A 338 -21.31 -2.21 23.59
C GLY A 338 -22.08 -2.40 22.29
N TYR A 339 -22.35 -1.26 21.63
CA TYR A 339 -22.99 -1.26 20.32
C TYR A 339 -22.32 -0.20 19.46
N ARG A 340 -22.77 -0.12 18.20
CA ARG A 340 -22.10 0.68 17.19
C ARG A 340 -23.13 1.54 16.46
N VAL A 341 -22.69 2.72 16.06
CA VAL A 341 -23.50 3.60 15.22
C VAL A 341 -22.63 4.10 14.08
N TYR A 342 -23.14 4.01 12.86
CA TYR A 342 -22.43 4.46 11.67
C TYR A 342 -23.01 5.78 11.20
N GLN A 343 -22.13 6.74 10.92
CA GLN A 343 -22.52 7.95 10.22
C GLN A 343 -22.32 7.71 8.73
N ILE A 344 -23.39 7.80 7.97
CA ILE A 344 -23.40 7.47 6.55
C ILE A 344 -23.90 8.66 5.75
N ASP A 345 -23.36 8.80 4.55
CA ASP A 345 -23.78 9.89 3.66
C ASP A 345 -25.30 9.88 3.53
N GLY A 346 -25.91 11.02 3.81
CA GLY A 346 -27.35 11.12 3.99
C GLY A 346 -28.23 10.68 2.85
N ASN A 347 -29.52 10.96 2.97
CA ASN A 347 -30.53 10.51 2.02
C ASN A 347 -30.83 11.66 1.05
N TYR A 348 -30.04 11.75 -0.01
CA TYR A 348 -30.23 12.75 -1.03
C TYR A 348 -29.73 12.18 -2.35
N PRO A 349 -30.14 12.75 -3.49
CA PRO A 349 -29.80 12.12 -4.78
C PRO A 349 -28.30 11.93 -5.01
N GLY A 350 -27.49 12.93 -4.68
CA GLY A 350 -26.07 12.86 -4.92
C GLY A 350 -25.29 12.18 -3.82
N SER A 351 -25.96 11.32 -3.05
CA SER A 351 -25.30 10.65 -1.94
C SER A 351 -24.50 9.45 -2.43
N SER A 352 -23.36 9.24 -1.80
CA SER A 352 -22.56 8.04 -2.05
C SER A 352 -22.93 6.88 -1.15
N HIS A 353 -23.65 7.16 -0.05
CA HIS A 353 -24.13 6.14 0.88
C HIS A 353 -23.00 5.45 1.66
N VAL A 354 -21.79 6.02 1.65
CA VAL A 354 -20.64 5.38 2.28
C VAL A 354 -20.61 5.73 3.75
N VAL A 355 -19.80 4.98 4.51
CA VAL A 355 -19.57 5.29 5.92
C VAL A 355 -18.62 6.47 6.02
N LEU A 356 -19.06 7.53 6.67
CA LEU A 356 -18.21 8.70 6.88
C LEU A 356 -17.48 8.63 8.20
N ASP A 357 -18.07 8.00 9.20
CA ASP A 357 -17.48 7.90 10.54
C ASP A 357 -18.34 6.94 11.32
N HIS A 358 -17.87 6.57 12.50
CA HIS A 358 -18.68 5.71 13.36
C HIS A 358 -18.29 5.91 14.81
N GLU A 359 -19.24 5.61 15.70
CA GLU A 359 -19.07 5.76 17.14
C GLU A 359 -19.37 4.43 17.82
N THR A 360 -18.83 4.26 19.02
CA THR A 360 -19.02 3.04 19.79
C THR A 360 -19.41 3.39 21.22
N TYR A 361 -20.50 2.82 21.69
CA TYR A 361 -21.00 3.01 23.03
C TYR A 361 -20.83 1.72 23.82
N ILE A 362 -20.61 1.84 25.12
CA ILE A 362 -20.45 0.67 25.97
C ILE A 362 -21.19 0.89 27.28
N LEU A 363 -21.12 -0.11 28.14
CA LEU A 363 -21.62 -0.01 29.51
C LEU A 363 -20.51 -0.54 30.40
N ASN A 364 -19.82 0.36 31.08
CA ASN A 364 -18.76 -0.03 32.01
C ASN A 364 -19.35 -0.83 33.17
N LEU A 365 -19.17 -2.16 33.14
CA LEU A 365 -19.80 -3.01 34.16
C LEU A 365 -19.28 -2.69 35.56
N THR A 366 -17.97 -2.46 35.70
CA THR A 366 -17.41 -2.15 37.01
C THR A 366 -18.18 -1.03 37.70
N GLN A 367 -18.77 -0.12 36.93
CA GLN A 367 -19.55 0.98 37.50
C GLN A 367 -21.03 0.64 37.62
N ALA A 368 -21.54 -0.23 36.74
CA ALA A 368 -22.96 -0.58 36.80
C ALA A 368 -23.22 -1.63 37.88
N ASN A 369 -22.28 -2.55 38.08
CA ASN A 369 -22.43 -3.59 39.09
C ASN A 369 -21.97 -3.13 40.47
N ALA A 370 -21.20 -2.04 40.55
CA ALA A 370 -20.78 -1.52 41.83
C ALA A 370 -21.98 -1.17 42.69
N ALA A 371 -21.84 -1.36 43.99
CA ALA A 371 -22.92 -1.03 44.92
C ALA A 371 -23.43 0.37 44.67
N GLY A 372 -24.75 0.50 44.59
CA GLY A 372 -25.38 1.77 44.27
C GLY A 372 -25.15 2.26 42.86
N GLY A 373 -24.45 1.50 42.03
CA GLY A 373 -24.23 1.91 40.66
C GLY A 373 -25.50 1.88 39.83
N THR A 374 -25.44 2.56 38.68
CA THR A 374 -26.54 2.63 37.74
C THR A 374 -25.98 2.46 36.33
N PRO A 375 -26.66 1.70 35.47
CA PRO A 375 -26.13 1.49 34.11
C PRO A 375 -26.36 2.72 33.24
N SER A 376 -25.27 3.34 32.79
CA SER A 376 -25.33 4.49 31.91
C SER A 376 -24.45 4.21 30.70
N TRP A 377 -25.07 4.08 29.54
CA TRP A 377 -24.34 3.81 28.32
C TRP A 377 -23.72 5.10 27.81
N LYS A 378 -22.42 5.05 27.53
CA LYS A 378 -21.65 6.24 27.16
C LYS A 378 -20.81 5.93 25.93
N ARG A 379 -20.50 6.98 25.17
CA ARG A 379 -19.68 6.85 23.98
C ARG A 379 -18.25 6.51 24.39
N LEU A 380 -17.77 5.36 23.92
CA LEU A 380 -16.38 4.99 24.19
C LEU A 380 -15.41 5.80 23.34
N TYR A 381 -15.73 5.99 22.06
CA TYR A 381 -14.85 6.75 21.19
C TYR A 381 -15.55 7.01 19.86
N ARG A 382 -14.94 7.88 19.07
CA ARG A 382 -15.34 8.16 17.71
C ARG A 382 -14.13 7.95 16.81
N ALA A 383 -14.26 7.09 15.82
CA ALA A 383 -13.12 6.62 15.03
C ALA A 383 -12.21 7.75 14.57
N ARG A 384 -12.69 8.59 13.64
CA ARG A 384 -11.82 9.60 13.03
C ARG A 384 -11.09 10.44 14.07
N GLU A 385 -11.79 10.86 15.11
CA GLU A 385 -11.21 11.75 16.11
C GLU A 385 -9.99 11.10 16.78
N THR A 386 -10.10 9.82 17.15
CA THR A 386 -9.07 9.17 17.96
C THR A 386 -7.97 8.56 17.11
N TYR A 387 -8.24 8.24 15.86
CA TYR A 387 -7.22 7.73 14.94
C TYR A 387 -6.73 8.78 13.95
N GLY A 388 -7.20 10.02 14.07
CA GLY A 388 -6.78 11.08 13.18
C GLY A 388 -6.91 10.71 11.71
N LEU A 389 -8.14 10.39 11.29
CA LEU A 389 -8.39 9.99 9.92
C LEU A 389 -9.11 11.10 9.15
N PRO A 390 -8.69 11.41 7.93
CA PRO A 390 -9.43 12.40 7.14
C PRO A 390 -10.79 11.92 6.66
N ASP A 391 -11.03 10.61 6.69
CA ASP A 391 -12.30 10.03 6.28
C ASP A 391 -12.29 8.55 6.68
N ALA A 392 -13.34 7.83 6.29
CA ALA A 392 -13.48 6.42 6.60
C ALA A 392 -13.42 5.57 5.32
N MET A 393 -12.59 6.01 4.36
CA MET A 393 -12.45 5.36 3.07
C MET A 393 -11.37 4.28 3.14
N PRO A 394 -11.35 3.37 2.14
CA PRO A 394 -10.39 2.25 2.22
C PRO A 394 -8.96 2.68 2.40
N ALA A 395 -8.49 3.66 1.62
CA ALA A 395 -7.11 4.10 1.73
C ALA A 395 -6.78 4.61 3.13
N SER A 396 -7.76 5.20 3.82
CA SER A 396 -7.52 5.80 5.12
C SER A 396 -7.35 4.75 6.20
N TRP A 397 -8.14 3.68 6.15
CA TRP A 397 -7.94 2.55 7.05
C TRP A 397 -6.69 1.75 6.70
N HIS A 398 -6.25 1.81 5.45
CA HIS A 398 -4.98 1.20 5.06
C HIS A 398 -3.81 1.91 5.73
N ASN A 399 -3.79 3.24 5.65
CA ASN A 399 -2.73 4.00 6.31
C ASN A 399 -2.70 3.72 7.81
N LEU A 400 -3.88 3.61 8.43
CA LEU A 400 -3.95 3.41 9.88
C LEU A 400 -3.24 2.12 10.29
N VAL A 401 -3.43 1.04 9.52
CA VAL A 401 -2.80 -0.23 9.86
C VAL A 401 -1.29 -0.08 9.90
N TYR A 402 -0.70 0.36 8.79
CA TYR A 402 0.75 0.48 8.71
C TYR A 402 1.28 1.59 9.62
N ARG A 403 0.43 2.52 10.04
CA ARG A 403 0.83 3.46 11.08
C ARG A 403 0.99 2.74 12.41
N MET A 404 0.01 1.90 12.77
CA MET A 404 0.07 1.16 14.02
C MET A 404 1.25 0.20 14.07
N ARG A 405 1.78 -0.18 12.91
CA ARG A 405 2.98 -1.02 12.90
C ARG A 405 4.20 -0.24 13.35
N ASP A 406 4.26 1.07 13.08
CA ASP A 406 5.46 1.84 13.35
C ASP A 406 5.54 2.24 14.82
N ASP A 407 4.50 2.86 15.36
CA ASP A 407 4.51 3.34 16.73
C ASP A 407 3.59 2.48 17.61
N GLU A 408 3.96 2.39 18.88
CA GLU A 408 3.23 1.54 19.83
C GLU A 408 2.05 2.26 20.48
N GLN A 409 2.20 3.54 20.82
CA GLN A 409 1.16 4.24 21.56
C GLN A 409 -0.16 4.24 20.80
N LEU A 410 -0.10 4.27 19.46
CA LEU A 410 -1.32 4.29 18.66
C LEU A 410 -1.95 2.91 18.58
N PHE A 411 -1.14 1.86 18.53
CA PHE A 411 -1.71 0.52 18.51
C PHE A 411 -2.37 0.18 19.84
N GLN A 412 -1.75 0.61 20.96
CA GLN A 412 -2.36 0.37 22.25
C GLN A 412 -3.71 1.04 22.35
N THR A 413 -3.88 2.21 21.73
CA THR A 413 -5.19 2.82 21.64
C THR A 413 -6.16 1.90 20.90
N PHE A 414 -5.72 1.37 19.76
CA PHE A 414 -6.56 0.43 19.01
C PHE A 414 -6.79 -0.84 19.80
N TRP A 415 -5.74 -1.34 20.47
CA TRP A 415 -5.86 -2.57 21.24
C TRP A 415 -6.80 -2.39 22.43
N PHE A 416 -6.79 -1.21 23.04
CA PHE A 416 -7.71 -0.92 24.15
C PHE A 416 -9.15 -0.91 23.66
N LEU A 417 -9.41 -0.17 22.58
CA LEU A 417 -10.77 -0.12 22.03
C LEU A 417 -11.20 -1.46 21.47
N TYR A 418 -10.25 -2.18 20.85
CA TYR A 418 -10.46 -3.56 20.45
C TYR A 418 -11.36 -4.26 21.45
N HIS A 419 -10.96 -4.26 22.72
CA HIS A 419 -11.66 -4.98 23.77
C HIS A 419 -12.75 -4.13 24.46
N LYS A 420 -13.30 -3.14 23.74
CA LYS A 420 -14.33 -2.27 24.30
C LYS A 420 -13.91 -1.74 25.67
N GLY A 421 -12.69 -1.22 25.73
CA GLY A 421 -12.19 -0.56 26.92
C GLY A 421 -11.78 -1.48 28.04
N HIS A 422 -11.87 -2.79 27.86
CA HIS A 422 -11.56 -3.76 28.92
C HIS A 422 -10.61 -4.82 28.37
N PRO A 423 -9.37 -4.45 28.06
CA PRO A 423 -8.41 -5.41 27.53
C PRO A 423 -7.92 -6.35 28.62
N PRO A 424 -7.35 -7.49 28.25
CA PRO A 424 -6.88 -8.45 29.26
C PRO A 424 -5.65 -7.93 29.99
N SER A 425 -5.27 -8.65 31.04
CA SER A 425 -4.13 -8.24 31.85
C SER A 425 -2.81 -8.43 31.11
N GLU A 426 -2.65 -9.55 30.40
CA GLU A 426 -1.40 -9.80 29.69
C GLU A 426 -1.24 -8.80 28.56
N PRO A 427 -0.05 -8.21 28.38
CA PRO A 427 0.13 -7.22 27.32
C PRO A 427 0.31 -7.86 25.95
N CYS A 428 0.05 -7.06 24.93
CA CYS A 428 0.14 -7.51 23.53
C CYS A 428 1.48 -7.07 22.97
N GLY A 429 2.42 -8.02 22.89
CA GLY A 429 3.76 -7.74 22.41
C GLY A 429 3.85 -7.74 20.90
N THR A 430 5.08 -7.84 20.41
CA THR A 430 5.32 -7.77 18.98
C THR A 430 4.76 -8.98 18.24
N PRO A 431 4.71 -10.19 18.81
CA PRO A 431 4.06 -11.28 18.06
C PRO A 431 2.55 -11.16 18.04
N CYS A 432 1.95 -10.59 19.09
CA CYS A 432 0.51 -10.37 19.12
C CYS A 432 0.13 -9.24 18.17
N ARG A 433 0.98 -8.20 18.07
CA ARG A 433 0.71 -7.08 17.19
C ARG A 433 0.57 -7.54 15.73
N LEU A 434 1.63 -8.15 15.21
CA LEU A 434 1.62 -8.53 13.80
C LEU A 434 0.41 -9.41 13.48
N ALA A 435 0.07 -10.33 14.39
CA ALA A 435 -1.11 -11.16 14.20
C ALA A 435 -2.36 -10.30 14.06
N THR A 436 -2.53 -9.35 14.98
CA THR A 436 -3.71 -8.48 14.95
C THR A 436 -3.71 -7.61 13.69
N LEU A 437 -2.62 -6.89 13.45
CA LEU A 437 -2.56 -6.06 12.25
C LEU A 437 -2.76 -6.89 10.99
N CYS A 438 -2.24 -8.12 10.98
CA CYS A 438 -2.41 -8.95 9.79
C CYS A 438 -3.86 -9.35 9.56
N ALA A 439 -4.62 -9.54 10.64
CA ALA A 439 -6.03 -9.89 10.49
C ALA A 439 -6.84 -8.74 9.90
N GLN A 440 -6.44 -7.50 10.18
CA GLN A 440 -7.14 -6.37 9.59
C GLN A 440 -6.97 -6.30 8.08
N LEU A 441 -5.95 -6.97 7.53
CA LEU A 441 -5.73 -7.00 6.08
C LEU A 441 -6.21 -8.29 5.43
N SER A 442 -6.61 -9.28 6.21
CA SER A 442 -6.98 -10.59 5.70
C SER A 442 -8.51 -10.66 5.57
N ALA A 443 -9.02 -10.02 4.51
CA ALA A 443 -10.41 -10.19 4.14
C ALA A 443 -10.63 -11.46 3.30
N ARG A 444 -9.55 -12.08 2.81
CA ARG A 444 -9.61 -13.34 2.08
C ARG A 444 -8.89 -14.41 2.89
N ALA A 445 -9.61 -15.47 3.22
CA ALA A 445 -9.05 -16.54 4.03
C ALA A 445 -7.91 -17.23 3.28
N ASP A 446 -6.96 -17.76 4.04
CA ASP A 446 -5.84 -18.53 3.50
C ASP A 446 -5.15 -17.78 2.37
N SER A 447 -4.65 -16.59 2.70
CA SER A 447 -3.95 -15.72 1.75
C SER A 447 -2.78 -15.06 2.47
N PRO A 448 -1.67 -15.78 2.65
CA PRO A 448 -0.53 -15.20 3.38
C PRO A 448 0.09 -14.00 2.68
N ALA A 449 -0.04 -13.90 1.36
CA ALA A 449 0.53 -12.76 0.64
C ALA A 449 -0.04 -11.45 1.15
N LEU A 450 -1.26 -11.45 1.68
CA LEU A 450 -1.89 -10.22 2.13
C LEU A 450 -1.12 -9.54 3.25
N CYS A 451 -0.28 -10.27 3.98
CA CYS A 451 0.48 -9.74 5.10
C CYS A 451 1.98 -9.67 4.81
N ARG A 452 2.36 -9.65 3.54
CA ARG A 452 3.77 -9.65 3.15
C ARG A 452 4.50 -8.44 3.71
N HIS A 453 3.85 -7.28 3.75
CA HIS A 453 4.50 -6.04 4.16
C HIS A 453 4.53 -5.85 5.68
N LEU A 454 4.08 -6.83 6.46
CA LEU A 454 4.11 -6.71 7.92
C LEU A 454 5.36 -7.33 8.51
N ASP B 13 24.94 38.00 -14.80
CA ASP B 13 25.42 37.86 -13.43
C ASP B 13 24.45 37.02 -12.60
N ILE B 14 23.59 36.26 -13.28
CA ILE B 14 22.61 35.42 -12.58
C ILE B 14 23.33 34.50 -11.59
N PHE B 15 24.42 33.88 -12.03
CA PHE B 15 25.21 32.98 -11.20
C PHE B 15 26.66 33.38 -11.30
N SER B 16 27.30 33.59 -10.16
CA SER B 16 28.70 33.97 -10.15
C SER B 16 29.58 32.77 -10.52
N THR B 17 30.82 33.07 -10.91
CA THR B 17 31.81 32.05 -11.20
C THR B 17 32.72 31.89 -9.98
N TRP B 18 33.30 30.70 -9.85
CA TRP B 18 34.15 30.40 -8.71
C TRP B 18 35.05 29.23 -9.08
N ASN B 19 36.19 29.14 -8.40
CA ASN B 19 37.20 28.12 -8.65
C ASN B 19 37.44 27.30 -7.39
N ILE B 20 37.63 26.01 -7.57
CA ILE B 20 38.02 25.11 -6.49
C ILE B 20 39.52 24.85 -6.61
N SER B 21 40.20 24.87 -5.48
CA SER B 21 41.65 24.68 -5.46
C SER B 21 41.97 23.21 -5.26
N LEU B 22 42.81 22.66 -6.14
CA LEU B 22 43.25 21.29 -6.02
C LEU B 22 44.48 21.18 -5.14
N PRO B 23 44.71 20.03 -4.53
CA PRO B 23 45.88 19.89 -3.65
C PRO B 23 47.17 20.16 -4.41
N SER B 24 48.19 20.59 -3.68
CA SER B 24 49.50 20.80 -4.27
C SER B 24 50.18 19.51 -4.69
N VAL B 25 49.58 18.36 -4.39
CA VAL B 25 50.18 17.08 -4.78
C VAL B 25 50.24 16.98 -6.29
N PRO B 26 51.35 16.55 -6.88
CA PRO B 26 51.41 16.46 -8.35
C PRO B 26 50.59 15.29 -8.87
N LYS B 27 50.04 15.49 -10.06
CA LYS B 27 49.20 14.47 -10.68
C LYS B 27 50.06 13.31 -11.15
N PRO B 28 49.75 12.07 -10.78
CA PRO B 28 50.51 10.93 -11.31
C PRO B 28 50.26 10.74 -12.80
N PRO B 29 51.16 10.06 -13.49
CA PRO B 29 50.98 9.88 -14.94
C PRO B 29 49.70 9.11 -15.23
N PRO B 30 48.92 9.54 -16.21
CA PRO B 30 47.66 8.84 -16.51
C PRO B 30 47.89 7.39 -16.92
N LYS B 31 47.27 6.48 -16.19
CA LYS B 31 47.37 5.05 -16.46
C LYS B 31 45.96 4.48 -16.55
N PRO B 32 45.35 4.49 -17.74
CA PRO B 32 44.03 3.88 -17.90
C PRO B 32 44.06 2.42 -17.47
N PRO B 33 43.07 1.96 -16.71
CA PRO B 33 43.07 0.57 -16.25
C PRO B 33 43.23 -0.42 -17.41
N SER B 34 43.95 -1.50 -17.14
CA SER B 34 44.14 -2.57 -18.09
C SER B 34 43.08 -3.65 -17.90
N PRO B 35 42.68 -4.36 -18.94
CA PRO B 35 41.68 -5.41 -18.77
C PRO B 35 42.17 -6.47 -17.81
N PRO B 36 41.28 -7.11 -17.06
CA PRO B 36 41.70 -8.13 -16.11
C PRO B 36 42.00 -9.44 -16.81
N ALA B 37 42.39 -10.44 -16.01
CA ALA B 37 42.74 -11.73 -16.56
C ALA B 37 41.47 -12.53 -16.91
N PRO B 38 41.53 -13.38 -17.93
CA PRO B 38 40.35 -14.20 -18.25
C PRO B 38 40.00 -15.12 -17.09
N GLY B 39 38.70 -15.30 -16.87
CA GLY B 39 38.25 -16.08 -15.74
C GLY B 39 38.42 -15.42 -14.39
N ALA B 40 38.70 -14.12 -14.37
CA ALA B 40 38.85 -13.38 -13.12
C ALA B 40 37.50 -13.13 -12.48
N PRO B 41 37.47 -12.87 -11.18
CA PRO B 41 36.18 -12.65 -10.50
C PRO B 41 35.44 -11.44 -11.07
N VAL B 42 34.12 -11.52 -11.03
CA VAL B 42 33.26 -10.44 -11.52
C VAL B 42 32.09 -10.28 -10.54
N SER B 43 31.65 -9.03 -10.39
CA SER B 43 30.53 -8.73 -9.51
C SER B 43 29.49 -7.97 -10.31
N ARG B 44 28.22 -8.19 -9.95
CA ARG B 44 27.08 -7.57 -10.61
C ARG B 44 26.42 -6.59 -9.65
N VAL B 45 26.25 -5.34 -10.08
CA VAL B 45 25.66 -4.29 -9.28
C VAL B 45 24.36 -3.84 -9.93
N LEU B 46 23.29 -3.84 -9.16
CA LEU B 46 22.00 -3.36 -9.65
C LEU B 46 21.95 -1.85 -9.57
N PHE B 47 21.38 -1.22 -10.58
CA PHE B 47 21.23 0.22 -10.61
C PHE B 47 19.77 0.59 -10.80
N LEU B 48 19.21 1.27 -9.79
CA LEU B 48 17.84 1.74 -9.82
C LEU B 48 17.82 3.26 -9.78
N THR B 49 16.87 3.86 -10.49
CA THR B 49 16.80 5.31 -10.54
C THR B 49 15.42 5.73 -11.04
N ASP B 50 14.95 6.85 -10.51
CA ASP B 50 13.71 7.50 -10.95
C ASP B 50 12.52 6.55 -10.93
N LEU B 51 12.29 5.97 -9.75
CA LEU B 51 11.11 5.14 -9.57
C LEU B 51 9.85 5.93 -9.78
N HIS B 52 9.78 7.12 -9.17
CA HIS B 52 8.61 7.98 -9.31
C HIS B 52 7.32 7.20 -9.04
N TRP B 53 7.04 6.90 -7.78
CA TRP B 53 5.84 6.17 -7.40
C TRP B 53 4.69 7.14 -7.19
N ASP B 54 3.59 6.92 -7.90
CA ASP B 54 2.39 7.73 -7.78
C ASP B 54 1.36 6.91 -7.02
N HIS B 55 1.17 7.22 -5.74
CA HIS B 55 0.19 6.52 -4.93
C HIS B 55 -1.24 6.83 -5.35
N GLU B 56 -1.46 7.86 -6.15
CA GLU B 56 -2.79 8.20 -6.65
C GLU B 56 -3.07 7.58 -8.01
N TYR B 57 -2.19 6.70 -8.50
CA TYR B 57 -2.42 6.08 -9.79
C TYR B 57 -3.71 5.27 -9.77
N LEU B 58 -4.54 5.44 -10.81
CA LEU B 58 -5.82 4.75 -10.87
C LEU B 58 -6.07 4.28 -12.30
N GLU B 59 -6.13 2.97 -12.48
CA GLU B 59 -6.45 2.38 -13.78
C GLU B 59 -7.72 2.99 -14.36
N GLY B 60 -7.80 2.99 -15.69
CA GLY B 60 -8.97 3.48 -16.39
C GLY B 60 -9.11 4.99 -16.49
N THR B 61 -8.39 5.76 -15.67
CA THR B 61 -8.47 7.21 -15.75
C THR B 61 -7.77 7.72 -17.01
N ASP B 62 -7.94 9.03 -17.26
CA ASP B 62 -7.45 9.63 -18.50
C ASP B 62 -5.95 9.83 -18.45
N PRO B 63 -5.16 9.17 -19.31
CA PRO B 63 -3.71 9.41 -19.33
C PRO B 63 -3.31 10.63 -20.13
N TYR B 64 -4.21 11.18 -20.95
CA TYR B 64 -3.88 12.34 -21.76
C TYR B 64 -4.68 13.55 -21.28
N CYS B 65 -4.46 13.95 -20.03
CA CYS B 65 -5.20 15.04 -19.41
C CYS B 65 -4.45 16.35 -19.59
N ALA B 66 -5.10 17.43 -19.19
CA ALA B 66 -4.53 18.77 -19.29
C ALA B 66 -3.61 19.12 -18.13
N ASP B 67 -3.42 18.20 -17.18
CA ASP B 67 -2.53 18.43 -16.06
C ASP B 67 -1.13 17.92 -16.37
N PRO B 68 -0.12 18.35 -15.62
CA PRO B 68 1.24 17.84 -15.88
C PRO B 68 1.40 16.36 -15.56
N LEU B 69 0.59 15.82 -14.66
CA LEU B 69 0.60 14.40 -14.33
C LEU B 69 -0.81 13.85 -14.43
N CYS B 70 -0.97 12.75 -15.16
CA CYS B 70 -2.29 12.15 -15.35
C CYS B 70 -2.32 10.73 -14.81
N CYS B 71 -3.31 9.95 -15.24
CA CYS B 71 -3.51 8.57 -14.77
C CYS B 71 -3.87 8.53 -13.28
N ARG B 72 -4.66 9.50 -12.84
CA ARG B 72 -5.12 9.60 -11.46
C ARG B 72 -6.60 9.95 -11.47
N ARG B 73 -7.25 9.84 -10.30
CA ARG B 73 -8.66 10.14 -10.24
C ARG B 73 -8.94 11.59 -10.62
N GLY B 74 -8.10 12.51 -10.13
CA GLY B 74 -8.27 13.93 -10.41
C GLY B 74 -8.03 14.33 -11.84
N SER B 75 -7.61 13.39 -12.68
CA SER B 75 -7.40 13.63 -14.10
C SER B 75 -8.62 13.28 -14.95
N GLY B 76 -9.69 12.77 -14.33
CA GLY B 76 -10.87 12.42 -15.07
C GLY B 76 -10.71 11.12 -15.83
N TRP B 77 -11.64 10.92 -16.76
CA TRP B 77 -11.67 9.72 -17.59
C TRP B 77 -11.80 10.14 -19.04
N PRO B 78 -11.42 9.28 -19.97
CA PRO B 78 -11.48 9.66 -21.39
C PRO B 78 -12.83 9.34 -21.98
N PRO B 79 -13.21 10.02 -23.08
CA PRO B 79 -14.48 9.65 -23.73
C PRO B 79 -14.50 8.22 -24.24
N ASN B 80 -13.38 7.75 -24.79
CA ASN B 80 -13.26 6.38 -25.29
C ASN B 80 -12.55 5.55 -24.22
N SER B 81 -13.31 4.68 -23.55
CA SER B 81 -12.76 3.90 -22.44
C SER B 81 -11.58 3.02 -22.86
N GLN B 82 -11.47 2.70 -24.15
CA GLN B 82 -10.34 1.89 -24.61
C GLN B 82 -9.01 2.61 -24.46
N LYS B 83 -9.03 3.94 -24.30
CA LYS B 83 -7.82 4.72 -24.11
C LYS B 83 -7.51 4.96 -22.64
N GLY B 84 -8.15 4.22 -21.74
CA GLY B 84 -7.96 4.45 -20.32
C GLY B 84 -6.62 3.95 -19.82
N ALA B 85 -6.21 4.49 -18.68
CA ALA B 85 -4.91 4.18 -18.11
C ALA B 85 -4.73 2.67 -17.91
N GLY B 86 -3.59 2.16 -18.34
CA GLY B 86 -3.32 0.74 -18.20
C GLY B 86 -3.19 0.31 -16.74
N PHE B 87 -3.22 -1.01 -16.55
CA PHE B 87 -3.17 -1.59 -15.22
C PHE B 87 -1.78 -1.49 -14.61
N TRP B 88 -0.73 -1.60 -15.42
CA TRP B 88 0.64 -1.59 -14.93
C TRP B 88 1.38 -0.28 -15.22
N GLY B 89 0.71 0.69 -15.83
CA GLY B 89 1.32 1.91 -16.28
C GLY B 89 0.78 2.33 -17.63
N GLU B 90 1.29 3.44 -18.18
CA GLU B 90 0.78 3.92 -19.45
C GLU B 90 1.89 4.66 -20.20
N TYR B 91 1.82 4.60 -21.53
CA TYR B 91 2.73 5.37 -22.39
C TYR B 91 2.20 6.80 -22.45
N SER B 92 2.52 7.56 -21.42
CA SER B 92 2.10 8.95 -21.35
C SER B 92 2.84 9.60 -20.19
N LYS B 93 2.48 10.85 -19.89
CA LYS B 93 3.05 11.57 -18.75
C LYS B 93 2.40 11.06 -17.47
N CYS B 94 2.72 9.79 -17.16
CA CYS B 94 2.19 9.12 -15.99
C CYS B 94 3.34 8.41 -15.28
N ASP B 95 3.18 8.24 -13.97
CA ASP B 95 4.14 7.54 -13.14
C ASP B 95 3.60 6.16 -12.78
N LEU B 96 4.40 5.38 -12.00
CA LEU B 96 4.11 3.97 -11.80
C LEU B 96 3.17 3.74 -10.62
N PRO B 97 2.36 2.68 -10.67
CA PRO B 97 1.70 2.17 -9.47
C PRO B 97 2.59 1.18 -8.72
N LEU B 98 2.35 1.08 -7.41
CA LEU B 98 3.18 0.22 -6.57
C LEU B 98 3.39 -1.14 -7.22
N ARG B 99 2.31 -1.74 -7.74
CA ARG B 99 2.38 -3.09 -8.27
C ARG B 99 3.56 -3.26 -9.23
N THR B 100 3.77 -2.28 -10.11
CA THR B 100 4.83 -2.43 -11.10
C THR B 100 6.20 -2.34 -10.45
N LEU B 101 6.34 -1.54 -9.40
CA LEU B 101 7.60 -1.50 -8.65
C LEU B 101 7.82 -2.78 -7.88
N GLU B 102 6.77 -3.30 -7.25
CA GLU B 102 6.87 -4.59 -6.56
C GLU B 102 7.04 -5.72 -7.55
N SER B 103 6.52 -5.56 -8.77
CA SER B 103 6.80 -6.52 -9.83
C SER B 103 8.26 -6.46 -10.26
N LEU B 104 8.83 -5.26 -10.34
CA LEU B 104 10.23 -5.10 -10.74
C LEU B 104 11.15 -5.85 -9.79
N LEU B 105 11.08 -5.55 -8.49
CA LEU B 105 11.96 -6.17 -7.52
C LEU B 105 11.74 -7.68 -7.45
N LYS B 106 10.49 -8.13 -7.63
CA LYS B 106 10.16 -9.54 -7.51
C LYS B 106 10.87 -10.39 -8.55
N GLY B 107 11.06 -9.85 -9.76
CA GLY B 107 11.66 -10.62 -10.83
C GLY B 107 13.12 -10.28 -11.08
N LEU B 108 13.87 -9.98 -10.02
CA LEU B 108 15.28 -9.67 -10.16
C LEU B 108 16.16 -10.91 -10.25
N GLY B 109 15.60 -12.11 -10.06
CA GLY B 109 16.37 -13.33 -10.14
C GLY B 109 17.16 -13.45 -11.42
N PRO B 110 16.47 -13.43 -12.57
CA PRO B 110 17.17 -13.63 -13.85
C PRO B 110 18.30 -12.65 -14.07
N ALA B 111 18.28 -11.48 -13.43
CA ALA B 111 19.37 -10.53 -13.53
C ALA B 111 20.55 -10.92 -12.65
N GLY B 112 20.66 -12.19 -12.27
CA GLY B 112 21.78 -12.69 -11.51
C GLY B 112 21.83 -12.07 -10.12
N PRO B 113 22.48 -12.75 -9.18
CA PRO B 113 22.65 -12.18 -7.84
C PRO B 113 23.53 -10.95 -7.88
N PHE B 114 23.38 -10.11 -6.87
CA PHE B 114 24.04 -8.80 -6.83
C PHE B 114 24.95 -8.68 -5.63
N GLU B 115 26.08 -7.98 -5.83
CA GLU B 115 26.96 -7.69 -4.70
C GLU B 115 26.49 -6.44 -3.95
N MET B 116 25.94 -5.48 -4.68
CA MET B 116 25.49 -4.24 -4.07
C MET B 116 24.52 -3.56 -5.03
N VAL B 117 23.98 -2.43 -4.61
CA VAL B 117 22.92 -1.74 -5.34
C VAL B 117 23.16 -0.25 -5.26
N TYR B 118 22.92 0.44 -6.37
CA TYR B 118 23.02 1.88 -6.47
C TYR B 118 21.64 2.42 -6.79
N TRP B 119 21.21 3.42 -6.02
CA TRP B 119 19.83 3.93 -6.09
C TRP B 119 19.89 5.45 -6.07
N THR B 120 19.47 6.10 -7.16
CA THR B 120 19.80 7.52 -7.35
C THR B 120 18.60 8.46 -7.35
N GLY B 121 17.67 8.28 -6.41
CA GLY B 121 16.62 9.28 -6.14
C GLY B 121 15.51 9.36 -7.18
N ASP B 122 14.73 10.44 -7.06
CA ASP B 122 13.48 10.67 -7.81
C ASP B 122 12.45 9.58 -7.49
N ILE B 123 12.01 9.61 -6.22
CA ILE B 123 11.12 8.57 -5.69
C ILE B 123 9.66 9.03 -5.76
N PRO B 124 9.34 10.26 -5.35
CA PRO B 124 7.94 10.70 -5.45
C PRO B 124 7.53 10.93 -6.89
N ALA B 125 6.22 10.93 -7.11
CA ALA B 125 5.65 11.18 -8.42
C ALA B 125 5.84 12.64 -8.81
N HIS B 126 5.33 13.00 -9.98
CA HIS B 126 5.41 14.36 -10.49
C HIS B 126 4.19 15.20 -10.14
N ASP B 127 3.52 14.89 -9.03
CA ASP B 127 2.38 15.69 -8.58
C ASP B 127 2.84 16.84 -7.68
N VAL B 128 3.71 17.67 -8.25
CA VAL B 128 4.38 18.74 -7.50
C VAL B 128 3.37 19.68 -6.87
N TRP B 129 2.22 19.90 -7.53
CA TRP B 129 1.30 20.91 -7.07
C TRP B 129 0.62 20.52 -5.75
N GLN B 130 0.55 19.22 -5.43
CA GLN B 130 -0.11 18.74 -4.20
C GLN B 130 0.79 17.69 -3.55
N GLN B 131 1.86 18.16 -2.90
CA GLN B 131 2.80 17.28 -2.22
C GLN B 131 3.18 17.92 -0.89
N SER B 132 2.94 17.21 0.20
CA SER B 132 3.35 17.65 1.52
C SER B 132 4.58 16.86 1.98
N ARG B 133 5.25 17.40 3.00
CA ARG B 133 6.39 16.70 3.59
C ARG B 133 5.98 15.30 4.03
N GLN B 134 4.79 15.17 4.61
CA GLN B 134 4.32 13.86 5.03
C GLN B 134 4.13 12.94 3.84
N ASP B 135 3.61 13.47 2.73
CA ASP B 135 3.47 12.69 1.51
C ASP B 135 4.84 12.26 0.98
N GLN B 136 5.83 13.15 1.05
CA GLN B 136 7.18 12.80 0.60
C GLN B 136 7.79 11.74 1.51
N LEU B 137 7.73 11.96 2.82
CA LEU B 137 8.28 10.99 3.76
C LEU B 137 7.64 9.63 3.57
N ARG B 138 6.35 9.59 3.26
CA ARG B 138 5.68 8.32 3.06
C ARG B 138 6.35 7.54 1.93
N ALA B 139 6.50 8.18 0.78
CA ALA B 139 7.12 7.49 -0.36
C ALA B 139 8.54 7.03 -0.01
N LEU B 140 9.26 7.83 0.80
CA LEU B 140 10.63 7.47 1.13
C LEU B 140 10.70 6.22 1.98
N THR B 141 9.90 6.15 3.04
CA THR B 141 9.93 4.96 3.91
C THR B 141 9.30 3.76 3.20
N THR B 142 8.23 3.99 2.45
CA THR B 142 7.49 2.88 1.85
C THR B 142 8.33 2.12 0.84
N ILE B 143 9.10 2.83 0.02
CA ILE B 143 9.88 2.18 -1.02
C ILE B 143 11.23 1.71 -0.49
N THR B 144 11.83 2.40 0.47
CA THR B 144 13.03 1.89 1.11
C THR B 144 12.74 0.54 1.75
N ASP B 145 11.62 0.43 2.46
CA ASP B 145 11.27 -0.84 3.11
C ASP B 145 10.95 -1.92 2.08
N LEU B 146 10.41 -1.54 0.93
CA LEU B 146 10.12 -2.52 -0.11
C LEU B 146 11.41 -3.04 -0.74
N VAL B 147 12.40 -2.16 -0.95
CA VAL B 147 13.69 -2.60 -1.49
C VAL B 147 14.38 -3.53 -0.51
N ARG B 148 14.43 -3.14 0.76
CA ARG B 148 15.05 -3.98 1.79
C ARG B 148 14.40 -5.35 1.84
N LYS B 149 13.07 -5.41 1.70
CA LYS B 149 12.34 -6.67 1.76
C LYS B 149 12.76 -7.60 0.63
N PHE B 150 12.87 -7.08 -0.58
CA PHE B 150 13.16 -7.91 -1.75
C PHE B 150 14.65 -8.17 -1.95
N LEU B 151 15.53 -7.43 -1.28
CA LEU B 151 16.96 -7.65 -1.42
C LEU B 151 17.64 -8.07 -0.13
N GLY B 152 17.02 -7.86 1.02
CA GLY B 152 17.51 -8.41 2.26
C GLY B 152 18.95 -8.05 2.58
N PRO B 153 19.86 -9.01 2.57
CA PRO B 153 21.22 -8.71 3.07
C PRO B 153 22.01 -7.79 2.15
N VAL B 154 21.88 -7.96 0.83
CA VAL B 154 22.77 -7.18 -0.06
C VAL B 154 22.54 -5.69 0.19
N PRO B 155 23.58 -4.87 0.27
CA PRO B 155 23.36 -3.46 0.65
C PRO B 155 22.93 -2.60 -0.53
N VAL B 156 22.27 -1.49 -0.19
CA VAL B 156 21.82 -0.51 -1.16
C VAL B 156 22.38 0.84 -0.75
N TYR B 157 23.15 1.47 -1.64
CA TYR B 157 23.76 2.76 -1.35
C TYR B 157 23.04 3.85 -2.13
N PRO B 158 22.17 4.64 -1.52
CA PRO B 158 21.32 5.55 -2.28
C PRO B 158 21.90 6.96 -2.42
N ALA B 159 21.28 7.73 -3.32
CA ALA B 159 21.64 9.11 -3.55
C ALA B 159 20.38 9.93 -3.68
N VAL B 160 20.49 11.21 -3.33
CA VAL B 160 19.32 12.09 -3.24
C VAL B 160 18.98 12.62 -4.62
N GLY B 161 17.69 12.56 -4.97
CA GLY B 161 17.19 13.13 -6.20
C GLY B 161 16.55 14.49 -5.97
N ASN B 162 15.94 15.02 -7.04
CA ASN B 162 15.43 16.38 -7.00
C ASN B 162 13.95 16.47 -6.62
N HIS B 163 13.21 15.37 -6.75
CA HIS B 163 11.79 15.35 -6.37
C HIS B 163 11.57 14.94 -4.92
N GLU B 164 12.63 14.72 -4.14
CA GLU B 164 12.46 14.17 -2.80
C GLU B 164 11.77 15.15 -1.87
N SER B 165 12.12 16.42 -1.92
CA SER B 165 11.54 17.41 -1.02
C SER B 165 10.48 18.23 -1.75
N THR B 166 9.66 18.91 -0.96
CA THR B 166 8.67 19.85 -1.49
C THR B 166 8.97 21.25 -0.91
N PRO B 167 8.93 22.30 -1.75
CA PRO B 167 8.68 22.31 -3.19
C PRO B 167 9.76 21.56 -3.95
N VAL B 168 9.40 21.04 -5.14
CA VAL B 168 10.36 20.31 -5.95
C VAL B 168 11.60 21.16 -6.16
N ASN B 169 12.77 20.52 -6.12
CA ASN B 169 14.06 21.16 -6.34
C ASN B 169 14.45 22.10 -5.21
N GLY B 170 13.72 22.09 -4.10
CA GLY B 170 14.01 22.98 -2.99
C GLY B 170 14.94 22.36 -1.98
N PHE B 171 16.25 22.50 -2.18
CA PHE B 171 17.26 21.99 -1.28
C PHE B 171 18.13 23.16 -0.81
N PRO B 172 17.78 23.82 0.28
CA PRO B 172 18.60 24.95 0.75
C PRO B 172 19.96 24.46 1.19
N PRO B 173 21.02 25.26 0.97
CA PRO B 173 22.31 24.92 1.55
C PRO B 173 22.25 25.00 3.06
N PRO B 174 23.21 24.39 3.77
CA PRO B 174 23.12 24.37 5.23
C PRO B 174 23.12 25.74 5.89
N PHE B 175 23.58 26.80 5.20
CA PHE B 175 23.58 28.11 5.84
C PHE B 175 22.17 28.64 6.10
N ILE B 176 21.15 28.00 5.52
CA ILE B 176 19.75 28.29 5.86
C ILE B 176 19.33 27.34 6.96
N LYS B 177 18.99 27.90 8.11
CA LYS B 177 18.69 27.12 9.31
C LYS B 177 17.19 27.13 9.59
N GLY B 178 16.76 26.15 10.37
CA GLY B 178 15.40 26.13 10.88
C GLY B 178 14.49 25.18 10.11
N ASN B 179 13.19 25.45 10.22
CA ASN B 179 12.20 24.60 9.57
C ASN B 179 12.34 24.65 8.05
N GLN B 180 12.79 25.79 7.50
CA GLN B 180 12.96 25.92 6.06
C GLN B 180 14.02 24.96 5.52
N SER B 181 14.98 24.57 6.36
CA SER B 181 16.05 23.70 5.91
C SER B 181 15.50 22.33 5.54
N SER B 182 16.30 21.59 4.77
CA SER B 182 15.96 20.23 4.39
C SER B 182 16.38 19.21 5.46
N GLN B 183 16.56 19.65 6.71
CA GLN B 183 16.95 18.73 7.77
C GLN B 183 15.85 17.73 8.08
N TRP B 184 14.58 18.08 7.82
CA TRP B 184 13.50 17.13 8.00
C TRP B 184 13.69 15.92 7.08
N LEU B 185 14.26 16.13 5.90
CA LEU B 185 14.42 15.07 4.91
C LEU B 185 15.70 14.28 5.13
N TYR B 186 16.82 14.96 5.37
CA TYR B 186 18.07 14.25 5.64
C TYR B 186 17.96 13.43 6.91
N GLU B 187 17.27 13.95 7.93
CA GLU B 187 17.07 13.18 9.16
C GLU B 187 16.30 11.90 8.86
N ALA B 188 15.20 12.00 8.13
CA ALA B 188 14.44 10.81 7.76
C ALA B 188 15.28 9.85 6.95
N MET B 189 16.10 10.36 6.01
CA MET B 189 16.95 9.50 5.22
C MET B 189 17.93 8.74 6.12
N ALA B 190 18.56 9.44 7.06
CA ALA B 190 19.51 8.77 7.94
C ALA B 190 18.86 7.63 8.71
N LYS B 191 17.57 7.76 9.02
CA LYS B 191 16.87 6.69 9.72
C LYS B 191 16.46 5.59 8.75
N ALA B 192 15.86 5.95 7.62
CA ALA B 192 15.40 4.96 6.66
C ALA B 192 16.55 4.14 6.11
N TRP B 193 17.73 4.75 5.96
CA TRP B 193 18.88 4.09 5.36
C TRP B 193 19.90 3.63 6.39
N GLU B 194 19.58 3.71 7.69
CA GLU B 194 20.52 3.29 8.71
C GLU B 194 21.00 1.85 8.53
N PRO B 195 20.14 0.89 8.18
CA PRO B 195 20.63 -0.49 8.00
C PRO B 195 21.68 -0.62 6.92
N TRP B 196 21.84 0.38 6.06
CA TRP B 196 22.75 0.28 4.93
C TRP B 196 24.06 1.03 5.11
N LEU B 197 24.06 2.16 5.82
CA LEU B 197 25.23 3.01 5.82
C LEU B 197 25.93 2.98 7.19
N PRO B 198 27.27 3.10 7.21
CA PRO B 198 27.96 3.18 8.51
C PRO B 198 27.70 4.48 9.24
N ALA B 199 28.25 4.61 10.45
CA ALA B 199 28.00 5.80 11.25
C ALA B 199 28.60 7.05 10.60
N ASP B 200 29.85 6.96 10.14
CA ASP B 200 30.48 8.12 9.50
C ASP B 200 29.71 8.55 8.25
N ALA B 201 29.07 7.60 7.57
CA ALA B 201 28.28 7.96 6.40
C ALA B 201 26.99 8.67 6.79
N LEU B 202 26.32 8.16 7.84
CA LEU B 202 25.11 8.80 8.32
C LEU B 202 25.40 10.22 8.80
N HIS B 203 26.56 10.44 9.40
CA HIS B 203 26.91 11.77 9.90
C HIS B 203 26.85 12.80 8.78
N THR B 204 27.55 12.56 7.68
CA THR B 204 27.53 13.49 6.57
C THR B 204 26.17 13.56 5.91
N LEU B 205 25.42 12.45 5.92
CA LEU B 205 24.14 12.41 5.26
C LEU B 205 23.14 13.36 5.91
N ARG B 206 23.11 13.38 7.26
CA ARG B 206 22.16 14.23 7.98
C ARG B 206 22.44 15.70 7.76
N ILE B 207 23.64 16.06 7.30
CA ILE B 207 24.04 17.46 7.19
C ILE B 207 23.78 17.99 5.79
N GLY B 208 24.36 17.34 4.77
CA GLY B 208 24.31 17.85 3.42
C GLY B 208 23.64 16.92 2.42
N GLY B 209 23.37 15.68 2.81
CA GLY B 209 22.78 14.72 1.92
C GLY B 209 23.76 13.94 1.08
N PHE B 210 25.04 13.96 1.42
CA PHE B 210 26.06 13.20 0.73
C PHE B 210 26.90 12.44 1.75
N TYR B 211 27.58 11.39 1.30
CA TYR B 211 28.32 10.53 2.21
C TYR B 211 29.34 9.74 1.43
N ALA B 212 30.24 9.09 2.18
CA ALA B 212 31.28 8.27 1.61
C ALA B 212 31.47 7.04 2.48
N LEU B 213 31.71 5.90 1.84
CA LEU B 213 31.91 4.65 2.56
C LEU B 213 32.73 3.72 1.68
N THR B 214 33.13 2.59 2.26
CA THR B 214 33.90 1.58 1.54
C THR B 214 33.05 0.32 1.38
N PRO B 215 32.44 0.08 0.22
CA PRO B 215 31.65 -1.15 0.07
C PRO B 215 32.49 -2.41 0.06
N ARG B 216 33.75 -2.33 -0.37
CA ARG B 216 34.61 -3.50 -0.41
C ARG B 216 36.06 -3.03 -0.42
N PRO B 217 37.01 -3.92 -0.15
CA PRO B 217 38.41 -3.47 0.03
C PRO B 217 38.98 -2.87 -1.25
N GLY B 218 39.61 -1.71 -1.11
CA GLY B 218 40.16 -1.01 -2.25
C GLY B 218 39.16 -0.16 -3.02
N LEU B 219 37.89 -0.17 -2.64
CA LEU B 219 36.86 0.60 -3.32
C LEU B 219 36.22 1.58 -2.34
N ARG B 220 36.05 2.81 -2.77
CA ARG B 220 35.46 3.86 -1.96
C ARG B 220 34.28 4.44 -2.74
N LEU B 221 33.08 4.39 -2.15
CA LEU B 221 31.88 4.89 -2.78
C LEU B 221 31.55 6.28 -2.27
N ILE B 222 31.23 7.19 -3.20
CA ILE B 222 30.87 8.56 -2.87
C ILE B 222 29.50 8.84 -3.48
N SER B 223 28.55 9.23 -2.64
CA SER B 223 27.21 9.57 -3.08
C SER B 223 27.05 11.07 -2.93
N LEU B 224 26.85 11.77 -4.04
CA LEU B 224 26.79 13.22 -4.05
C LEU B 224 25.35 13.68 -4.15
N ASN B 225 25.03 14.79 -3.49
CA ASN B 225 23.73 15.43 -3.58
C ASN B 225 23.81 16.48 -4.67
N MET B 226 23.42 16.11 -5.89
CA MET B 226 23.57 16.98 -7.04
C MET B 226 22.59 18.14 -7.05
N ASN B 227 21.66 18.21 -6.10
CA ASN B 227 20.72 19.34 -6.10
C ASN B 227 21.44 20.66 -5.85
N PHE B 228 22.61 20.63 -5.23
CA PHE B 228 23.41 21.83 -5.04
C PHE B 228 24.05 22.32 -6.33
N CYS B 229 23.85 21.61 -7.44
CA CYS B 229 24.33 22.06 -8.74
C CYS B 229 23.21 22.34 -9.73
N SER B 230 21.97 21.98 -9.42
CA SER B 230 20.90 22.01 -10.39
C SER B 230 20.43 23.44 -10.63
N ARG B 231 20.11 23.73 -11.89
CA ARG B 231 19.57 25.04 -12.22
C ARG B 231 18.19 25.24 -11.63
N GLU B 232 17.46 24.14 -11.40
CA GLU B 232 16.11 24.23 -10.87
C GLU B 232 16.06 24.62 -9.40
N ASN B 233 17.19 24.55 -8.69
CA ASN B 233 17.23 24.82 -7.26
C ASN B 233 17.21 26.33 -7.04
N PHE B 234 16.03 26.90 -6.84
CA PHE B 234 15.90 28.34 -6.69
C PHE B 234 16.71 28.87 -5.51
N TRP B 235 17.05 28.02 -4.54
CA TRP B 235 17.82 28.47 -3.39
C TRP B 235 19.23 28.90 -3.76
N LEU B 236 19.75 28.44 -4.90
CA LEU B 236 21.11 28.79 -5.31
C LEU B 236 21.22 30.21 -5.86
N LEU B 237 20.11 30.94 -5.95
CA LEU B 237 20.18 32.33 -6.36
C LEU B 237 20.83 33.21 -5.30
N ILE B 238 20.70 32.83 -4.03
CA ILE B 238 21.37 33.58 -2.96
C ILE B 238 22.88 33.43 -3.10
N ASN B 239 23.36 32.19 -3.04
CA ASN B 239 24.79 31.92 -3.21
C ASN B 239 24.93 30.52 -3.79
N SER B 240 25.61 30.41 -4.93
CA SER B 240 25.77 29.15 -5.62
C SER B 240 27.19 28.60 -5.51
N THR B 241 27.99 29.13 -4.59
CA THR B 241 29.42 28.79 -4.52
C THR B 241 29.58 27.52 -3.70
N ASP B 242 29.78 26.39 -4.38
CA ASP B 242 30.02 25.08 -3.79
C ASP B 242 29.17 24.88 -2.55
N PRO B 243 27.85 24.84 -2.67
CA PRO B 243 27.01 24.72 -1.48
C PRO B 243 27.39 23.51 -0.64
N ALA B 244 27.35 23.71 0.68
CA ALA B 244 27.71 22.67 1.66
C ALA B 244 29.15 22.22 1.55
N GLY B 245 29.98 22.95 0.81
CA GLY B 245 31.36 22.55 0.62
C GLY B 245 31.52 21.17 0.04
N GLN B 246 30.54 20.71 -0.73
CA GLN B 246 30.54 19.34 -1.22
C GLN B 246 31.75 19.06 -2.10
N LEU B 247 32.10 20.01 -2.97
CA LEU B 247 33.21 19.78 -3.90
C LEU B 247 34.54 19.76 -3.18
N GLN B 248 34.76 20.69 -2.26
CA GLN B 248 35.98 20.62 -1.45
C GLN B 248 36.04 19.29 -0.71
N TRP B 249 34.93 18.88 -0.11
CA TRP B 249 34.89 17.58 0.57
C TRP B 249 35.16 16.44 -0.41
N LEU B 250 34.66 16.57 -1.65
CA LEU B 250 34.90 15.56 -2.67
C LEU B 250 36.39 15.45 -2.98
N VAL B 251 37.06 16.59 -3.18
CA VAL B 251 38.49 16.59 -3.44
C VAL B 251 39.24 15.88 -2.32
N GLU B 252 38.87 16.16 -1.06
CA GLU B 252 39.58 15.54 0.06
C GLU B 252 39.40 14.03 0.05
N GLU B 253 38.24 13.53 -0.38
CA GLU B 253 38.03 12.09 -0.45
C GLU B 253 38.87 11.47 -1.57
N LEU B 254 38.94 12.14 -2.72
CA LEU B 254 39.68 11.59 -3.84
C LEU B 254 41.17 11.58 -3.56
N GLN B 255 41.68 12.67 -3.02
CA GLN B 255 43.12 12.74 -2.72
C GLN B 255 43.52 11.64 -1.76
N ALA B 256 42.74 11.46 -0.68
CA ALA B 256 43.04 10.41 0.28
C ALA B 256 43.00 9.04 -0.38
N ALA B 257 42.05 8.83 -1.30
CA ALA B 257 41.96 7.56 -2.00
C ALA B 257 43.17 7.35 -2.91
N GLU B 258 43.64 8.42 -3.55
CA GLU B 258 44.85 8.33 -4.37
C GLU B 258 46.04 7.92 -3.52
N ASN B 259 46.10 8.39 -2.27
CA ASN B 259 47.21 8.05 -1.39
C ASN B 259 47.12 6.62 -0.89
N ARG B 260 45.91 6.14 -0.60
CA ARG B 260 45.71 4.76 -0.18
C ARG B 260 45.76 3.78 -1.35
N GLY B 261 45.92 4.26 -2.58
CA GLY B 261 45.87 3.39 -3.73
C GLY B 261 44.52 2.76 -3.98
N ASP B 262 43.44 3.38 -3.50
CA ASP B 262 42.10 2.84 -3.67
C ASP B 262 41.40 3.51 -4.85
N LYS B 263 40.45 2.78 -5.44
CA LYS B 263 39.62 3.30 -6.51
C LYS B 263 38.34 3.89 -5.93
N VAL B 264 37.62 4.66 -6.74
CA VAL B 264 36.44 5.37 -6.29
C VAL B 264 35.30 5.20 -7.29
N HIS B 265 34.10 4.97 -6.75
CA HIS B 265 32.87 5.01 -7.52
C HIS B 265 32.04 6.19 -7.05
N ILE B 266 31.56 6.99 -7.99
CA ILE B 266 30.73 8.15 -7.69
C ILE B 266 29.31 7.85 -8.18
N ILE B 267 28.32 8.19 -7.35
CA ILE B 267 26.91 8.07 -7.70
C ILE B 267 26.21 9.38 -7.39
N GLY B 268 25.18 9.67 -8.17
CA GLY B 268 24.39 10.88 -7.98
C GLY B 268 23.14 10.80 -8.84
N HIS B 269 22.35 11.88 -8.80
CA HIS B 269 21.11 11.90 -9.56
C HIS B 269 21.27 12.67 -10.87
N ILE B 270 21.52 13.96 -10.79
CA ILE B 270 21.63 14.82 -11.96
C ILE B 270 23.04 14.69 -12.54
N PRO B 271 23.20 14.30 -13.81
CA PRO B 271 24.55 14.16 -14.38
C PRO B 271 25.26 15.50 -14.48
N PRO B 272 26.58 15.54 -14.24
CA PRO B 272 27.30 16.82 -14.20
C PRO B 272 27.12 17.70 -15.44
N GLY B 273 26.67 17.11 -16.55
CA GLY B 273 26.39 17.89 -17.74
C GLY B 273 25.19 18.82 -17.57
N HIS B 274 24.26 18.46 -16.69
CA HIS B 274 23.06 19.24 -16.45
C HIS B 274 23.21 20.20 -15.26
N CYS B 275 24.43 20.40 -14.78
CA CYS B 275 24.67 21.24 -13.62
C CYS B 275 24.80 22.71 -14.01
N LEU B 276 24.86 23.57 -13.00
CA LEU B 276 25.23 24.96 -13.23
C LEU B 276 26.64 25.03 -13.81
N LYS B 277 26.90 26.10 -14.57
CA LYS B 277 28.16 26.20 -15.30
C LYS B 277 29.36 26.07 -14.38
N SER B 278 29.46 26.96 -13.38
CA SER B 278 30.64 26.94 -12.51
C SER B 278 30.80 25.59 -11.82
N TRP B 279 29.70 25.05 -11.28
CA TRP B 279 29.75 23.75 -10.63
C TRP B 279 30.19 22.67 -11.61
N SER B 280 29.62 22.68 -12.82
CA SER B 280 29.96 21.66 -13.82
C SER B 280 31.42 21.75 -14.24
N TRP B 281 31.95 22.97 -14.37
CA TRP B 281 33.35 23.13 -14.75
C TRP B 281 34.28 22.63 -13.65
N ASN B 282 34.05 23.08 -12.41
CA ASN B 282 34.90 22.64 -11.32
C ASN B 282 34.87 21.12 -11.18
N TYR B 283 33.69 20.51 -11.34
CA TYR B 283 33.62 19.06 -11.32
C TYR B 283 34.46 18.46 -12.45
N TYR B 284 34.43 19.10 -13.63
CA TYR B 284 35.12 18.54 -14.80
C TYR B 284 36.61 18.40 -14.55
N LYS B 285 37.23 19.42 -13.95
CA LYS B 285 38.66 19.40 -13.70
C LYS B 285 39.03 18.47 -12.56
N ILE B 286 38.09 18.17 -11.66
CA ILE B 286 38.35 17.23 -10.59
C ILE B 286 38.42 15.82 -11.13
N ILE B 287 37.59 15.50 -12.12
CA ILE B 287 37.63 14.18 -12.76
C ILE B 287 38.94 14.00 -13.51
N ALA B 288 39.33 15.03 -14.29
CA ALA B 288 40.57 14.93 -15.04
C ALA B 288 41.77 14.73 -14.12
N ARG B 289 41.82 15.49 -13.03
CA ARG B 289 42.94 15.38 -12.10
C ARG B 289 43.04 13.99 -11.50
N TYR B 290 41.91 13.42 -11.06
CA TYR B 290 41.90 12.11 -10.41
C TYR B 290 41.44 10.98 -11.33
N GLU B 291 41.67 11.12 -12.64
CA GLU B 291 41.29 10.07 -13.58
C GLU B 291 41.82 8.70 -13.16
N ASN B 292 43.04 8.67 -12.59
CA ASN B 292 43.62 7.38 -12.21
C ASN B 292 42.91 6.77 -11.01
N THR B 293 42.28 7.58 -10.16
CA THR B 293 41.62 7.08 -8.96
C THR B 293 40.17 6.69 -9.23
N LEU B 294 39.48 7.43 -10.10
CA LEU B 294 38.09 7.11 -10.42
C LEU B 294 38.01 5.83 -11.22
N ALA B 295 37.03 4.99 -10.87
CA ALA B 295 36.79 3.75 -11.58
C ALA B 295 35.38 3.67 -12.13
N GLY B 296 34.52 4.65 -11.84
CA GLY B 296 33.16 4.62 -12.32
C GLY B 296 32.36 5.85 -11.94
N GLN B 297 31.37 6.18 -12.76
CA GLN B 297 30.44 7.26 -12.49
C GLN B 297 29.06 6.86 -12.97
N PHE B 298 28.06 7.05 -12.10
CA PHE B 298 26.70 6.59 -12.37
C PHE B 298 25.72 7.67 -11.95
N PHE B 299 24.86 8.10 -12.88
CA PHE B 299 23.86 9.11 -12.61
C PHE B 299 22.55 8.71 -13.26
N GLY B 300 21.48 9.42 -12.91
CA GLY B 300 20.17 9.17 -13.48
C GLY B 300 19.49 10.43 -13.98
N HIS B 301 18.29 10.72 -13.47
CA HIS B 301 17.59 11.96 -13.73
C HIS B 301 17.04 12.09 -15.15
N THR B 302 17.87 11.81 -16.15
CA THR B 302 17.45 12.01 -17.54
C THR B 302 16.36 11.02 -17.98
N HIS B 303 16.13 9.95 -17.23
CA HIS B 303 15.10 8.94 -17.49
C HIS B 303 15.39 8.13 -18.74
N VAL B 304 16.47 8.42 -19.46
CA VAL B 304 16.72 7.87 -20.78
C VAL B 304 18.12 7.29 -20.81
N ASP B 305 18.33 6.36 -21.73
CA ASP B 305 19.58 5.61 -21.81
C ASP B 305 20.60 6.39 -22.61
N GLU B 306 21.68 6.81 -21.96
CA GLU B 306 22.72 7.57 -22.63
C GLU B 306 23.97 7.53 -21.75
N PHE B 307 24.90 8.43 -22.00
CA PHE B 307 26.13 8.50 -21.21
C PHE B 307 26.81 9.84 -21.51
N GLU B 308 27.84 10.14 -20.73
CA GLU B 308 28.64 11.35 -20.90
C GLU B 308 30.11 10.97 -20.83
N ILE B 309 30.92 11.55 -21.72
CA ILE B 309 32.35 11.29 -21.78
C ILE B 309 33.11 12.50 -21.28
N PHE B 310 34.14 12.26 -20.47
CA PHE B 310 35.01 13.30 -19.97
C PHE B 310 36.34 13.26 -20.71
N TYR B 311 36.88 14.44 -20.99
CA TYR B 311 38.18 14.60 -21.64
C TYR B 311 39.12 15.39 -20.75
N ASP B 312 40.38 15.45 -21.15
CA ASP B 312 41.35 16.24 -20.41
C ASP B 312 40.98 17.71 -20.46
N GLU B 313 41.20 18.41 -19.33
CA GLU B 313 40.71 19.78 -19.19
C GLU B 313 41.35 20.71 -20.21
N GLU B 314 42.66 20.58 -20.42
CA GLU B 314 43.38 21.61 -21.16
C GLU B 314 42.96 21.64 -22.63
N THR B 315 42.90 20.47 -23.27
CA THR B 315 42.72 20.40 -24.72
C THR B 315 41.47 19.66 -25.15
N LEU B 316 40.75 19.01 -24.23
CA LEU B 316 39.52 18.30 -24.57
C LEU B 316 39.74 17.33 -25.74
N SER B 317 40.83 16.57 -25.69
CA SER B 317 41.17 15.67 -26.79
C SER B 317 41.27 14.21 -26.38
N ARG B 318 41.81 13.92 -25.21
CA ARG B 318 41.96 12.55 -24.75
C ARG B 318 40.83 12.19 -23.81
N PRO B 319 39.94 11.25 -24.14
CA PRO B 319 38.90 10.88 -23.20
C PRO B 319 39.49 10.11 -22.03
N LEU B 320 38.96 10.39 -20.83
CA LEU B 320 39.54 9.84 -19.62
C LEU B 320 38.52 9.28 -18.63
N ALA B 321 37.22 9.39 -18.91
CA ALA B 321 36.20 8.88 -17.99
C ALA B 321 34.84 8.92 -18.68
N VAL B 322 33.91 8.15 -18.14
CA VAL B 322 32.55 8.07 -18.67
C VAL B 322 31.55 8.02 -17.53
N ALA B 323 30.47 8.78 -17.66
CA ALA B 323 29.38 8.75 -16.70
C ALA B 323 28.22 8.03 -17.37
N PHE B 324 27.84 6.87 -16.83
CA PHE B 324 26.72 6.12 -17.37
C PHE B 324 25.42 6.68 -16.80
N LEU B 325 24.51 7.06 -17.69
CA LEU B 325 23.20 7.62 -17.32
C LEU B 325 22.14 6.54 -17.57
N ALA B 326 21.83 5.77 -16.52
CA ALA B 326 20.89 4.68 -16.66
C ALA B 326 19.48 5.19 -16.91
N PRO B 327 18.63 4.39 -17.53
CA PRO B 327 17.25 4.80 -17.79
C PRO B 327 16.37 4.58 -16.57
N SER B 328 15.18 5.18 -16.62
CA SER B 328 14.29 5.23 -15.47
C SER B 328 13.39 4.00 -15.39
N ALA B 329 12.96 3.69 -14.16
CA ALA B 329 11.93 2.69 -13.97
C ALA B 329 10.56 3.21 -14.39
N THR B 330 10.33 4.52 -14.30
CA THR B 330 9.02 5.09 -14.60
C THR B 330 8.80 5.22 -16.11
N THR B 331 7.53 5.38 -16.47
CA THR B 331 7.14 5.59 -17.85
C THR B 331 7.28 7.05 -18.28
N PHE B 332 7.34 7.97 -17.33
CA PHE B 332 7.47 9.40 -17.59
C PHE B 332 8.69 9.70 -18.48
N ILE B 333 8.53 9.99 -19.78
CA ILE B 333 7.26 10.06 -20.51
C ILE B 333 7.32 9.14 -21.73
N ASN B 334 6.30 8.31 -21.90
CA ASN B 334 6.16 7.49 -23.09
C ASN B 334 7.23 6.41 -23.18
N LEU B 335 7.68 5.90 -22.04
CA LEU B 335 8.79 4.97 -21.97
C LEU B 335 8.35 3.65 -21.34
N ASN B 336 9.09 2.58 -21.67
CA ASN B 336 8.93 1.33 -20.96
C ASN B 336 9.63 1.41 -19.62
N PRO B 337 9.06 0.81 -18.56
CA PRO B 337 9.83 0.67 -17.32
C PRO B 337 11.07 -0.16 -17.55
N GLY B 338 12.17 0.23 -16.89
CA GLY B 338 13.39 -0.52 -17.01
C GLY B 338 14.37 -0.22 -15.89
N TYR B 339 15.35 -1.11 -15.74
CA TYR B 339 16.44 -0.91 -14.80
C TYR B 339 17.74 -1.37 -15.48
N ARG B 340 18.81 -1.44 -14.71
CA ARG B 340 20.11 -1.78 -15.30
C ARG B 340 20.97 -2.52 -14.30
N VAL B 341 21.84 -3.37 -14.83
CA VAL B 341 22.85 -4.07 -14.05
C VAL B 341 24.21 -3.80 -14.67
N TYR B 342 25.21 -3.56 -13.83
CA TYR B 342 26.57 -3.28 -14.27
C TYR B 342 27.48 -4.47 -13.94
N GLN B 343 28.28 -4.87 -14.92
CA GLN B 343 29.30 -5.88 -14.71
C GLN B 343 30.62 -5.18 -14.37
N ILE B 344 31.12 -5.41 -13.17
CA ILE B 344 32.28 -4.69 -12.65
C ILE B 344 33.36 -5.70 -12.29
N ASP B 345 34.61 -5.25 -12.41
CA ASP B 345 35.75 -6.07 -12.04
C ASP B 345 35.59 -6.57 -10.60
N GLY B 346 35.90 -7.84 -10.39
CA GLY B 346 35.56 -8.51 -9.14
C GLY B 346 36.12 -7.90 -7.87
N ASN B 347 35.84 -8.55 -6.74
CA ASN B 347 36.30 -8.09 -5.44
C ASN B 347 37.54 -8.91 -5.05
N TYR B 348 38.67 -8.52 -5.60
CA TYR B 348 39.94 -9.16 -5.31
C TYR B 348 41.03 -8.10 -5.25
N PRO B 349 42.18 -8.40 -4.64
CA PRO B 349 43.20 -7.37 -4.42
C PRO B 349 43.57 -6.57 -5.66
N GLY B 350 44.00 -7.25 -6.73
CA GLY B 350 44.45 -6.55 -7.92
C GLY B 350 43.33 -6.19 -8.88
N SER B 351 42.22 -5.69 -8.35
CA SER B 351 41.06 -5.38 -9.17
C SER B 351 41.06 -3.93 -9.60
N SER B 352 40.55 -3.69 -10.82
CA SER B 352 40.42 -2.33 -11.33
C SER B 352 39.12 -1.66 -10.90
N HIS B 353 38.11 -2.46 -10.51
CA HIS B 353 36.84 -1.97 -10.03
C HIS B 353 36.10 -1.14 -11.08
N VAL B 354 36.40 -1.35 -12.35
CA VAL B 354 35.82 -0.54 -13.42
C VAL B 354 34.66 -1.32 -14.03
N VAL B 355 33.81 -0.60 -14.75
CA VAL B 355 32.73 -1.24 -15.50
C VAL B 355 33.31 -2.03 -16.66
N LEU B 356 32.93 -3.31 -16.75
CA LEU B 356 33.32 -4.15 -17.87
C LEU B 356 32.22 -4.31 -18.91
N ASP B 357 30.96 -4.17 -18.51
CA ASP B 357 29.82 -4.24 -19.41
C ASP B 357 28.59 -3.90 -18.57
N HIS B 358 27.45 -3.78 -19.22
CA HIS B 358 26.21 -3.55 -18.50
C HIS B 358 25.03 -4.07 -19.32
N GLU B 359 23.95 -4.40 -18.61
CA GLU B 359 22.72 -4.95 -19.19
C GLU B 359 21.53 -4.11 -18.76
N THR B 360 20.50 -4.09 -19.59
CA THR B 360 19.28 -3.34 -19.32
C THR B 360 18.08 -4.27 -19.43
N TYR B 361 17.18 -4.18 -18.45
CA TYR B 361 15.96 -4.97 -18.40
C TYR B 361 14.77 -4.02 -18.45
N ILE B 362 13.76 -4.37 -19.22
CA ILE B 362 12.58 -3.53 -19.40
C ILE B 362 11.33 -4.34 -19.06
N LEU B 363 10.19 -3.67 -19.16
CA LEU B 363 8.88 -4.31 -19.07
C LEU B 363 8.05 -3.76 -20.22
N ASN B 364 7.81 -4.60 -21.22
CA ASN B 364 7.02 -4.21 -22.39
C ASN B 364 5.58 -4.02 -21.95
N LEU B 365 5.13 -2.77 -21.83
CA LEU B 365 3.81 -2.49 -21.29
C LEU B 365 2.70 -3.02 -22.18
N THR B 366 2.86 -2.93 -23.50
CA THR B 366 1.83 -3.42 -24.41
C THR B 366 1.45 -4.86 -24.10
N GLN B 367 2.40 -5.67 -23.64
CA GLN B 367 2.11 -7.06 -23.31
C GLN B 367 1.47 -7.20 -21.93
N ALA B 368 2.04 -6.52 -20.93
CA ALA B 368 1.51 -6.64 -19.57
C ALA B 368 0.08 -6.12 -19.48
N ASN B 369 -0.22 -5.01 -20.15
CA ASN B 369 -1.56 -4.43 -20.12
C ASN B 369 -2.52 -5.13 -21.09
N ALA B 370 -2.01 -5.93 -22.01
CA ALA B 370 -2.88 -6.64 -22.93
C ALA B 370 -3.83 -7.54 -22.16
N ALA B 371 -4.96 -7.88 -22.81
CA ALA B 371 -5.97 -8.73 -22.19
C ALA B 371 -5.35 -10.07 -21.82
N GLY B 372 -5.41 -10.41 -20.53
CA GLY B 372 -4.75 -11.61 -20.06
C GLY B 372 -3.25 -11.57 -20.17
N GLY B 373 -2.66 -10.39 -20.04
CA GLY B 373 -1.22 -10.22 -20.16
C GLY B 373 -0.57 -10.19 -18.77
N THR B 374 0.52 -10.93 -18.64
CA THR B 374 1.25 -11.02 -17.39
C THR B 374 2.60 -10.31 -17.53
N PRO B 375 2.98 -9.45 -16.59
CA PRO B 375 4.27 -8.75 -16.74
C PRO B 375 5.45 -9.68 -16.60
N SER B 376 6.44 -9.49 -17.46
CA SER B 376 7.69 -10.24 -17.41
C SER B 376 8.83 -9.30 -17.76
N TRP B 377 9.83 -9.25 -16.89
CA TRP B 377 10.98 -8.37 -17.08
C TRP B 377 12.07 -9.12 -17.82
N LYS B 378 12.27 -8.78 -19.09
CA LYS B 378 13.26 -9.43 -19.93
C LYS B 378 14.41 -8.47 -20.23
N ARG B 379 15.59 -9.04 -20.48
CA ARG B 379 16.73 -8.22 -20.85
C ARG B 379 16.47 -7.55 -22.19
N LEU B 380 16.73 -6.24 -22.26
CA LEU B 380 16.58 -5.53 -23.53
C LEU B 380 17.83 -5.67 -24.38
N TYR B 381 19.01 -5.53 -23.78
CA TYR B 381 20.25 -5.62 -24.56
C TYR B 381 21.42 -5.69 -23.60
N ARG B 382 22.58 -6.02 -24.18
CA ARG B 382 23.87 -5.94 -23.51
C ARG B 382 24.75 -5.00 -24.32
N ALA B 383 25.39 -4.05 -23.63
CA ALA B 383 26.08 -2.96 -24.33
C ALA B 383 27.10 -3.47 -25.34
N ARG B 384 28.03 -4.32 -24.89
CA ARG B 384 29.13 -4.72 -25.76
C ARG B 384 28.64 -5.48 -27.00
N GLU B 385 27.67 -6.39 -26.83
CA GLU B 385 27.16 -7.15 -27.97
C GLU B 385 26.60 -6.22 -29.04
N THR B 386 25.59 -5.42 -28.70
CA THR B 386 24.89 -4.65 -29.71
C THR B 386 25.80 -3.62 -30.37
N TYR B 387 26.67 -2.98 -29.59
CA TYR B 387 27.56 -1.96 -30.11
C TYR B 387 28.92 -2.51 -30.53
N GLY B 388 29.23 -3.75 -30.18
CA GLY B 388 30.49 -4.34 -30.55
C GLY B 388 31.67 -3.61 -29.93
N LEU B 389 31.59 -3.36 -28.65
CA LEU B 389 32.67 -2.63 -27.96
C LEU B 389 33.69 -3.62 -27.42
N PRO B 390 34.99 -3.39 -27.62
CA PRO B 390 35.98 -4.25 -26.95
C PRO B 390 35.86 -4.20 -25.44
N ASP B 391 35.46 -3.08 -24.87
CA ASP B 391 35.35 -2.93 -23.43
C ASP B 391 34.50 -1.70 -23.13
N ALA B 392 34.29 -1.42 -21.84
CA ALA B 392 33.56 -0.25 -21.41
C ALA B 392 34.48 0.89 -21.01
N MET B 393 35.70 0.91 -21.55
CA MET B 393 36.65 1.95 -21.25
C MET B 393 36.26 3.25 -21.95
N PRO B 394 36.74 4.39 -21.45
CA PRO B 394 36.31 5.67 -22.05
C PRO B 394 36.58 5.76 -23.54
N ALA B 395 37.76 5.36 -24.01
CA ALA B 395 38.05 5.44 -25.43
C ALA B 395 37.08 4.61 -26.28
N SER B 396 36.45 3.61 -25.69
CA SER B 396 35.55 2.73 -26.44
C SER B 396 34.20 3.40 -26.69
N TRP B 397 33.64 4.07 -25.68
CA TRP B 397 32.41 4.82 -25.89
C TRP B 397 32.65 6.06 -26.73
N HIS B 398 33.87 6.60 -26.69
CA HIS B 398 34.25 7.71 -27.57
C HIS B 398 34.14 7.29 -29.04
N ASN B 399 34.70 6.14 -29.39
CA ASN B 399 34.60 5.66 -30.77
C ASN B 399 33.14 5.48 -31.17
N LEU B 400 32.33 4.91 -30.28
CA LEU B 400 30.93 4.63 -30.62
C LEU B 400 30.19 5.89 -31.04
N VAL B 401 30.45 7.01 -30.37
CA VAL B 401 29.77 8.26 -30.71
C VAL B 401 30.06 8.65 -32.16
N TYR B 402 31.35 8.61 -32.55
CA TYR B 402 31.72 9.03 -33.90
C TYR B 402 31.35 7.97 -34.94
N ARG B 403 31.29 6.70 -34.55
CA ARG B 403 30.78 5.68 -35.47
C ARG B 403 29.30 5.92 -35.78
N MET B 404 28.49 6.27 -34.76
CA MET B 404 27.07 6.51 -34.97
C MET B 404 26.80 7.73 -35.84
N ARG B 405 27.77 8.62 -35.97
CA ARG B 405 27.58 9.79 -36.82
C ARG B 405 27.51 9.38 -38.30
N ASP B 406 28.23 8.34 -38.68
CA ASP B 406 28.31 7.96 -40.10
C ASP B 406 27.09 7.14 -40.51
N ASP B 407 26.99 5.91 -40.00
CA ASP B 407 25.91 5.01 -40.38
C ASP B 407 24.75 5.13 -39.38
N GLU B 408 23.54 5.33 -39.90
CA GLU B 408 22.37 5.49 -39.05
C GLU B 408 21.84 4.16 -38.53
N GLN B 409 22.12 3.04 -39.20
CA GLN B 409 21.67 1.76 -38.70
C GLN B 409 22.18 1.49 -37.29
N LEU B 410 23.39 1.97 -36.98
CA LEU B 410 23.91 1.84 -35.63
C LEU B 410 23.31 2.89 -34.69
N PHE B 411 23.13 4.11 -35.19
CA PHE B 411 22.52 5.15 -34.36
C PHE B 411 21.07 4.80 -34.05
N GLN B 412 20.31 4.37 -35.05
CA GLN B 412 18.92 3.99 -34.81
C GLN B 412 18.82 2.90 -33.76
N THR B 413 19.80 2.00 -33.72
CA THR B 413 19.85 1.04 -32.62
C THR B 413 20.05 1.75 -31.29
N PHE B 414 20.89 2.78 -31.28
CA PHE B 414 21.08 3.57 -30.06
C PHE B 414 19.84 4.38 -29.73
N TRP B 415 19.19 4.96 -30.75
CA TRP B 415 17.98 5.73 -30.54
C TRP B 415 16.82 4.84 -30.06
N PHE B 416 16.80 3.57 -30.47
CA PHE B 416 15.78 2.65 -30.02
C PHE B 416 15.98 2.30 -28.55
N LEU B 417 17.21 1.93 -28.18
CA LEU B 417 17.53 1.62 -26.80
C LEU B 417 17.53 2.88 -25.94
N TYR B 418 17.84 4.03 -26.53
CA TYR B 418 17.66 5.31 -25.85
C TYR B 418 16.36 5.31 -25.06
N HIS B 419 15.25 5.01 -25.73
CA HIS B 419 13.91 5.07 -25.15
C HIS B 419 13.44 3.71 -24.62
N LYS B 420 14.37 2.84 -24.24
CA LYS B 420 14.03 1.53 -23.69
C LYS B 420 13.08 0.77 -24.62
N GLY B 421 13.29 0.95 -25.93
CA GLY B 421 12.57 0.17 -26.92
C GLY B 421 11.21 0.71 -27.29
N HIS B 422 10.92 1.97 -26.98
CA HIS B 422 9.64 2.59 -27.29
C HIS B 422 9.88 4.04 -27.70
N PRO B 423 10.49 4.25 -28.85
CA PRO B 423 10.82 5.62 -29.28
C PRO B 423 9.58 6.37 -29.71
N PRO B 424 9.66 7.69 -29.85
CA PRO B 424 8.49 8.47 -30.28
C PRO B 424 8.06 8.10 -31.68
N SER B 425 6.92 8.66 -32.09
CA SER B 425 6.40 8.42 -33.43
C SER B 425 7.26 9.11 -34.49
N GLU B 426 7.65 10.36 -34.25
CA GLU B 426 8.45 11.08 -35.22
C GLU B 426 9.88 10.55 -35.19
N PRO B 427 10.45 10.12 -36.33
CA PRO B 427 11.83 9.63 -36.32
C PRO B 427 12.82 10.72 -35.95
N CYS B 428 14.06 10.31 -35.77
CA CYS B 428 15.13 11.22 -35.35
C CYS B 428 15.96 11.56 -36.58
N GLY B 429 15.85 12.80 -37.05
CA GLY B 429 16.57 13.25 -38.21
C GLY B 429 18.00 13.66 -37.90
N THR B 430 18.62 14.34 -38.86
CA THR B 430 20.01 14.76 -38.66
C THR B 430 20.10 15.89 -37.64
N PRO B 431 19.15 16.83 -37.58
CA PRO B 431 19.20 17.81 -36.49
C PRO B 431 18.97 17.19 -35.13
N CYS B 432 18.25 16.06 -35.08
CA CYS B 432 18.08 15.32 -33.84
C CYS B 432 19.32 14.51 -33.49
N ARG B 433 20.03 14.00 -34.50
CA ARG B 433 21.25 13.24 -34.24
C ARG B 433 22.31 14.11 -33.58
N LEU B 434 22.73 15.18 -34.27
CA LEU B 434 23.82 16.00 -33.75
C LEU B 434 23.51 16.45 -32.32
N ALA B 435 22.26 16.84 -32.05
CA ALA B 435 21.90 17.20 -30.69
C ALA B 435 22.09 16.04 -29.74
N THR B 436 21.72 14.82 -30.17
CA THR B 436 21.84 13.65 -29.31
C THR B 436 23.29 13.24 -29.16
N LEU B 437 24.02 13.12 -30.29
CA LEU B 437 25.43 12.78 -30.21
C LEU B 437 26.22 13.84 -29.45
N CYS B 438 25.83 15.11 -29.58
CA CYS B 438 26.53 16.17 -28.86
C CYS B 438 26.35 16.03 -27.36
N ALA B 439 25.16 15.61 -26.92
CA ALA B 439 24.92 15.47 -25.49
C ALA B 439 25.74 14.35 -24.87
N GLN B 440 26.19 13.38 -25.67
CA GLN B 440 27.03 12.31 -25.14
C GLN B 440 28.46 12.78 -24.89
N LEU B 441 28.85 13.93 -25.45
CA LEU B 441 30.16 14.52 -25.21
C LEU B 441 30.10 15.72 -24.28
N SER B 442 28.90 16.08 -23.81
CA SER B 442 28.72 17.29 -23.00
C SER B 442 28.59 16.92 -21.52
N ALA B 443 29.70 16.43 -20.97
CA ALA B 443 29.81 16.22 -19.52
C ALA B 443 30.08 17.51 -18.78
N ARG B 444 30.25 18.63 -19.48
CA ARG B 444 30.50 19.93 -18.88
C ARG B 444 29.56 20.93 -19.52
N ALA B 445 28.79 21.63 -18.70
CA ALA B 445 27.76 22.52 -19.20
C ALA B 445 28.37 23.74 -19.89
N ASP B 446 27.59 24.31 -20.81
CA ASP B 446 27.94 25.54 -21.53
C ASP B 446 29.35 25.45 -22.11
N SER B 447 29.55 24.45 -22.97
CA SER B 447 30.86 24.19 -23.58
C SER B 447 30.68 23.77 -25.03
N PRO B 448 30.43 24.73 -25.92
CA PRO B 448 30.28 24.39 -27.35
C PRO B 448 31.52 23.75 -27.95
N ALA B 449 32.69 23.90 -27.34
CA ALA B 449 33.90 23.30 -27.89
C ALA B 449 33.82 21.77 -27.86
N LEU B 450 33.06 21.20 -26.93
CA LEU B 450 33.04 19.76 -26.76
C LEU B 450 32.47 19.05 -27.99
N CYS B 451 31.60 19.72 -28.73
CA CYS B 451 30.97 19.16 -29.93
C CYS B 451 31.52 19.79 -31.20
N ARG B 452 32.75 20.29 -31.14
CA ARG B 452 33.34 20.98 -32.29
C ARG B 452 33.69 20.03 -33.43
N HIS B 453 33.83 18.73 -33.15
CA HIS B 453 34.27 17.78 -34.16
C HIS B 453 33.12 17.08 -34.88
N LEU B 454 31.87 17.43 -34.57
CA LEU B 454 30.72 16.76 -35.19
C LEU B 454 30.12 17.58 -36.34
C1 NAG C . -38.28 -32.51 13.57
C2 NAG C . -39.32 -33.19 14.46
C3 NAG C . -39.20 -32.67 15.89
C4 NAG C . -37.76 -32.78 16.39
C5 NAG C . -36.78 -32.16 15.39
C6 NAG C . -35.33 -32.37 15.76
C7 NAG C . -41.41 -33.99 13.44
C8 NAG C . -42.77 -33.60 12.96
N2 NAG C . -40.66 -33.01 13.96
O3 NAG C . -40.08 -33.41 16.73
O4 NAG C . -37.63 -32.09 17.63
O5 NAG C . -36.97 -32.72 14.09
O6 NAG C . -35.08 -33.68 16.26
O7 NAG C . -40.99 -35.14 13.36
H1 NAG C . -38.47 -31.55 13.55
H2 NAG C . -39.11 -34.15 14.48
H3 NAG C . -39.47 -31.73 15.90
H4 NAG C . -37.53 -33.73 16.52
H5 NAG C . -36.96 -31.20 15.34
H61 NAG C . -35.08 -31.72 16.44
H62 NAG C . -34.78 -32.23 14.97
H81 NAG C . -43.29 -33.24 13.71
H82 NAG C . -43.23 -34.38 12.61
H83 NAG C . -42.69 -32.93 12.27
HN2 NAG C . -41.03 -32.17 14.00
HO3 NAG C . -40.10 -34.26 16.47
HO6 NAG C . -34.25 -33.73 16.59
C1 NAG C . -37.95 -32.95 18.74
C2 NAG C . -37.64 -32.19 20.03
C3 NAG C . -38.02 -33.05 21.24
C4 NAG C . -39.46 -33.50 21.14
C5 NAG C . -39.70 -34.21 19.80
C6 NAG C . -41.14 -34.61 19.57
C7 NAG C . -35.77 -30.62 19.70
C8 NAG C . -34.29 -30.42 19.83
N2 NAG C . -36.23 -31.81 20.09
O3 NAG C . -37.83 -32.28 22.43
O4 NAG C . -39.77 -34.39 22.21
O5 NAG C . -39.33 -33.34 18.72
O6 NAG C . -41.27 -35.60 18.56
O7 NAG C . -36.51 -29.75 19.26
H1 NAG C . -37.39 -33.75 18.69
H2 NAG C . -38.17 -31.38 20.05
H3 NAG C . -37.44 -33.83 21.27
H4 NAG C . -40.06 -32.73 21.19
H5 NAG C . -39.14 -35.01 19.76
H61 NAG C . -41.65 -33.81 19.31
H62 NAG C . -41.52 -34.95 20.40
H81 NAG C . -33.82 -31.07 19.29
H82 NAG C . -34.03 -30.51 20.77
H83 NAG C . -34.06 -29.52 19.53
HN2 NAG C . -35.64 -32.43 20.40
HO3 NAG C . -37.65 -32.83 23.11
HO4 NAG C . -39.60 -34.00 22.98
HO6 NAG C . -41.04 -36.38 18.89
C1 NAG D . -22.00 -29.67 -5.68
C2 NAG D . -21.18 -30.71 -6.45
C3 NAG D . -20.66 -30.11 -7.75
C4 NAG D . -21.79 -29.49 -8.55
C5 NAG D . -22.58 -28.52 -7.69
C6 NAG D . -23.76 -27.92 -8.40
C7 NAG D . -19.69 -32.49 -5.63
C8 NAG D . -18.53 -32.83 -4.74
N2 NAG D . -20.08 -31.21 -5.63
O3 NAG D . -20.03 -31.15 -8.51
O4 NAG D . -21.27 -28.77 -9.66
O5 NAG D . -23.07 -29.19 -6.52
O6 NAG D . -24.90 -27.67 -7.57
O7 NAG D . -20.24 -33.35 -6.32
H1 NAG D . -21.41 -28.92 -5.44
H2 NAG D . -21.77 -31.46 -6.66
H3 NAG D . -19.99 -29.44 -7.54
H4 NAG D . -22.39 -30.19 -8.87
H5 NAG D . -21.98 -27.79 -7.40
H61 NAG D . -24.03 -28.52 -9.12
H62 NAG D . -23.49 -27.07 -8.80
H81 NAG D . -18.76 -32.62 -3.81
H82 NAG D . -17.75 -32.30 -5.00
H83 NAG D . -18.32 -33.77 -4.81
HN2 NAG D . -19.63 -30.62 -5.10
HO3 NAG D . -19.57 -30.78 -9.18
C1 NAG D . -21.22 -29.47 -10.91
C2 NAG D . -21.96 -28.64 -11.96
C3 NAG D . -21.78 -29.24 -13.36
C4 NAG D . -20.31 -29.48 -13.66
C5 NAG D . -19.72 -30.35 -12.56
C6 NAG D . -18.24 -30.62 -12.74
C7 NAG D . -24.09 -27.42 -11.75
C8 NAG D . -25.53 -27.51 -11.38
N2 NAG D . -23.37 -28.54 -11.63
O3 NAG D . -22.32 -28.34 -14.32
O4 NAG D . -20.17 -30.13 -14.92
O5 NAG D . -19.87 -29.67 -11.31
O6 NAG D . -17.59 -30.75 -11.49
O7 NAG D . -23.58 -26.37 -12.15
H1 NAG D . -21.65 -30.33 -10.81
H2 NAG D . -21.58 -27.74 -11.96
H3 NAG D . -22.27 -30.08 -13.40
H4 NAG D . -19.85 -28.63 -13.69
H5 NAG D . -20.19 -31.20 -12.52
H61 NAG D . -17.85 -29.88 -13.23
H62 NAG D . -18.13 -31.44 -13.26
H81 NAG D . -25.98 -28.16 -11.95
H82 NAG D . -25.96 -26.63 -11.51
H83 NAG D . -25.62 -27.77 -10.45
HN2 NAG D . -23.81 -29.29 -11.34
HO3 NAG D . -23.21 -28.39 -14.31
HO4 NAG D . -19.57 -29.70 -15.41
HO6 NAG D . -17.78 -30.05 -10.98
C1 FUC D . -24.68 -26.82 -6.43
C2 FUC D . -24.47 -25.29 -6.79
C3 FUC D . -25.78 -24.57 -7.17
C4 FUC D . -26.89 -24.92 -6.19
C5 FUC D . -27.02 -26.43 -6.10
C6 FUC D . -28.18 -26.91 -5.21
O2 FUC D . -23.48 -25.07 -7.79
O3 FUC D . -25.59 -23.15 -7.11
O4 FUC D . -26.57 -24.37 -4.92
O5 FUC D . -25.81 -27.01 -5.59
H1 FUC D . -23.84 -27.20 -5.84
H2 FUC D . -24.10 -24.80 -5.89
H3 FUC D . -26.08 -24.87 -8.19
H4 FUC D . -27.85 -24.51 -6.57
H5 FUC D . -27.17 -26.80 -7.13
H61 FUC D . -29.13 -26.54 -5.60
H62 FUC D . -28.03 -26.54 -4.19
H63 FUC D . -28.21 -28.00 -5.19
HO2 FUC D . -23.79 -24.31 -8.31
HO3 FUC D . -24.81 -22.96 -7.65
HO4 FUC D . -26.37 -25.14 -4.37
C1 NAG E . -14.70 1.81 34.18
C2 NAG E . -13.52 2.52 33.53
C3 NAG E . -12.28 2.32 34.39
C4 NAG E . -12.54 2.76 35.82
C5 NAG E . -13.78 2.05 36.37
C6 NAG E . -14.17 2.55 37.74
C7 NAG E . -13.83 2.62 31.10
C8 NAG E . -13.48 1.99 29.78
N2 NAG E . -13.30 2.04 32.18
O3 NAG E . -11.22 3.09 33.83
O4 NAG E . -11.43 2.42 36.65
O5 NAG E . -14.90 2.29 35.51
O6 NAG E . -14.62 3.90 37.69
O7 NAG E . -14.55 3.61 31.18
H1 NAG E . -14.53 0.84 34.21
H2 NAG E . -13.72 3.47 33.50
H3 NAG E . -12.02 1.38 34.38
H4 NAG E . -12.67 3.72 35.85
H5 NAG E . -13.61 1.10 36.42
H61 NAG E . -13.41 2.49 38.34
H62 NAG E . -14.89 1.99 38.10
H81 NAG E . -13.80 1.07 29.78
H82 NAG E . -12.52 2.00 29.65
H83 NAG E . -13.92 2.48 29.07
HN2 NAG E . -12.77 1.30 32.06
HO3 NAG E . -10.50 3.02 34.35
HO6 NAG E . -14.59 4.26 38.51
C1 NAG E . -10.91 3.57 37.35
C2 NAG E . -10.17 3.08 38.59
C3 NAG E . -9.50 4.24 39.32
C4 NAG E . -8.66 5.07 38.36
C5 NAG E . -9.49 5.49 37.17
C6 NAG E . -8.71 6.25 36.12
C7 NAG E . -11.17 1.04 39.53
C8 NAG E . -12.16 0.49 40.53
N2 NAG E . -11.07 2.38 39.49
O3 NAG E . -8.69 3.74 40.37
O4 NAG E . -8.13 6.22 39.02
O5 NAG E . -10.02 4.32 36.51
O6 NAG E . -9.24 6.03 34.82
O7 NAG E . -10.48 0.30 38.83
H1 NAG E . -11.65 4.14 37.63
H2 NAG E . -9.46 2.46 38.31
H3 NAG E . -10.20 4.82 39.70
H4 NAG E . -7.91 4.51 38.05
H5 NAG E . -10.23 6.05 37.48
H61 NAG E . -7.78 5.95 36.15
H62 NAG E . -8.75 7.21 36.32
H81 NAG E . -13.05 0.82 40.31
H82 NAG E . -11.91 0.78 41.42
H83 NAG E . -12.15 -0.49 40.48
HN2 NAG E . -11.60 2.86 40.04
HO3 NAG E . -7.92 4.15 40.37
HO4 NAG E . -7.26 6.29 38.83
HO6 NAG E . -8.83 6.57 34.24
C1 NAG F . 7.41 23.48 9.36
C2 NAG F . 6.26 23.70 10.35
C3 NAG F . 5.12 22.73 10.04
C4 NAG F . 4.71 22.83 8.58
C5 NAG F . 5.93 22.69 7.67
C6 NAG F . 5.62 22.95 6.21
C7 NAG F . 6.80 24.57 12.59
C8 NAG F . 7.29 24.22 13.95
N2 NAG F . 6.71 23.55 11.72
O3 NAG F . 4.01 23.04 10.87
O4 NAG F . 3.79 21.80 8.27
O5 NAG F . 6.94 23.63 8.04
O6 NAG F . 6.48 23.94 5.67
O7 NAG F . 6.49 25.71 12.27
H1 NAG F . 7.77 22.58 9.48
H2 NAG F . 5.93 24.61 10.22
H3 NAG F . 5.43 21.82 10.22
H4 NAG F . 4.29 23.70 8.42
H5 NAG F . 6.29 21.79 7.75
H61 NAG F . 4.69 23.25 6.13
H62 NAG F . 5.73 22.12 5.71
H81 NAG F . 7.31 25.03 14.51
H82 NAG F . 8.18 23.84 13.90
H83 NAG F . 6.69 23.57 14.36
HN2 NAG F . 6.95 22.71 12.00
HO3 NAG F . 3.83 23.91 10.82
C1 NAG F . 2.56 22.25 7.65
C2 NAG F . 2.16 21.28 6.53
C3 NAG F . 0.87 21.74 5.88
C4 NAG F . -0.22 21.93 6.94
C5 NAG F . 0.27 22.85 8.05
C6 NAG F . -0.71 22.96 9.19
C7 NAG F . 3.08 21.05 4.24
C8 NAG F . 4.34 20.91 3.44
N2 NAG F . 3.24 21.13 5.56
O3 NAG F . 0.43 20.77 4.94
O4 NAG F . -1.39 22.48 6.34
O5 NAG F . 1.49 22.35 8.61
O6 NAG F . -0.20 23.76 10.25
O7 NAG F . 1.97 21.08 3.69
H1 NAG F . 2.72 23.14 7.25
H2 NAG F . 2.00 20.41 6.95
H3 NAG F . 1.02 22.58 5.43
H4 NAG F . -0.44 21.06 7.32
H5 NAG F . 0.43 23.74 7.68
H61 NAG F . -0.91 22.07 9.53
H62 NAG F . -1.54 23.36 8.86
H81 NAG F . 4.81 20.10 3.71
H82 NAG F . 4.91 21.68 3.59
H83 NAG F . 4.11 20.86 2.48
HN2 NAG F . 4.10 21.10 5.88
HO3 NAG F . 0.12 21.18 4.21
HO6 NAG F . -0.77 23.75 10.93
C1 FUC F . 5.79 25.18 5.39
C2 FUC F . 6.78 26.33 5.66
C3 FUC F . 6.68 27.38 4.55
C4 FUC F . 5.22 27.62 4.17
C5 FUC F . 4.63 26.34 3.57
C6 FUC F . 3.15 26.14 3.89
O2 FUC F . 8.12 25.87 5.82
O3 FUC F . 7.23 28.61 5.02
O4 FUC F . 4.49 28.01 5.31
O5 FUC F . 5.31 25.15 4.06
H1 FUC F . 4.90 25.27 6.02
H2 FUC F . 6.49 26.80 6.60
H3 FUC F . 7.24 27.03 3.66
H4 FUC F . 5.19 28.40 3.40
H5 FUC F . 4.79 26.40 2.49
H61 FUC F . 2.80 25.22 3.45
H62 FUC F . 2.58 26.99 3.48
H63 FUC F . 3.00 26.10 4.97
HO2 FUC F . 8.61 26.63 6.15
HO3 FUC F . 8.10 28.40 5.39
HO4 FUC F . 3.78 28.59 4.97
C1 NAG G . 29.21 32.74 -1.21
C2 NAG G . 29.59 34.16 -1.53
C3 NAG G . 31.07 34.23 -1.92
C4 NAG G . 31.95 33.47 -0.93
C5 NAG G . 31.34 32.13 -0.50
C6 NAG G . 32.05 31.52 0.68
C7 NAG G . 28.54 36.00 -2.78
C8 NAG G . 27.68 36.36 -3.95
N2 NAG G . 28.77 34.70 -2.61
O3 NAG G . 31.48 35.59 -1.97
O4 NAG G . 33.16 33.17 -1.62
O5 NAG G . 29.96 32.28 -0.13
O6 NAG G . 31.21 30.73 1.51
O7 NAG G . 29.00 36.85 -2.03
H1 NAG G . 29.37 32.17 -1.98
H2 NAG G . 29.45 34.71 -0.73
H3 NAG G . 31.18 33.84 -2.80
H4 NAG G . 32.15 34.02 -0.15
H5 NAG G . 31.40 31.50 -1.24
H61 NAG G . 32.44 32.23 1.23
H62 NAG G . 32.78 30.96 0.36
H81 NAG G . 26.80 35.95 -3.85
H82 NAG G . 28.10 36.05 -4.77
H83 NAG G . 27.57 37.33 -3.99
HN2 NAG G . 28.40 34.11 -3.20
HO3 NAG G . 31.33 35.98 -1.18
C1 NAG G . 34.47 33.35 -0.99
C2 NAG G . 34.77 34.84 -0.84
C3 NAG G . 36.18 35.00 -0.25
C4 NAG G . 36.32 34.21 1.04
C5 NAG G . 35.88 32.76 0.86
C6 NAG G . 35.83 31.99 2.15
C7 NAG G . 34.96 36.82 -2.28
C8 NAG G . 34.77 37.37 -3.66
N2 NAG G . 34.66 35.52 -2.11
O3 NAG G . 36.44 36.38 0.00
O4 NAG G . 37.68 34.24 1.47
O5 NAG G . 34.55 32.71 0.31
O6 NAG G . 34.93 30.90 2.08
O7 NAG G . 35.37 37.52 -1.35
H1 NAG G . 35.15 32.94 -1.57
H2 NAG G . 34.14 35.22 -0.21
H3 NAG G . 36.83 34.68 -0.90
H4 NAG G . 35.76 34.63 1.73
H5 NAG G . 36.49 32.31 0.24
H61 NAG G . 35.56 32.58 2.87
H62 NAG G . 36.73 31.64 2.34
H81 NAG G . 33.83 37.28 -3.92
H82 NAG G . 35.34 36.88 -4.29
H83 NAG G . 35.02 38.32 -3.68
HN2 NAG G . 34.36 35.06 -2.84
HO3 NAG G . 36.60 36.50 0.86
HO4 NAG G . 37.71 34.15 2.35
HO6 NAG G . 35.29 30.17 2.45
C1 FUC G . 30.69 29.51 0.94
C2 FUC G . 31.82 28.43 0.66
C3 FUC G . 31.65 27.19 1.52
C4 FUC G . 30.25 26.63 1.36
C5 FUC G . 29.24 27.63 1.92
C6 FUC G . 27.85 27.51 1.27
O2 FUC G . 33.15 28.90 0.79
O3 FUC G . 32.56 26.17 1.09
O4 FUC G . 30.00 26.38 -0.01
O5 FUC G . 29.65 29.05 1.83
H1 FUC G . 30.16 29.76 0.01
H2 FUC G . 31.72 28.11 -0.39
H3 FUC G . 31.82 27.44 2.58
H4 FUC G . 30.16 25.70 1.95
H5 FUC G . 29.15 27.38 2.99
H61 FUC G . 27.17 28.26 1.69
H62 FUC G . 27.44 26.52 1.43
H63 FUC G . 27.92 27.70 0.19
HO2 FUC G . 33.58 28.70 -0.06
HO3 FUC G . 33.22 26.62 0.55
HO4 FUC G . 29.82 27.25 -0.41
C1 NAG H . 6.33 -5.23 -27.16
C2 NAG H . 7.36 -5.14 -28.27
C3 NAG H . 6.67 -4.79 -29.59
C4 NAG H . 5.51 -5.74 -29.88
C5 NAG H . 4.60 -5.87 -28.66
C6 NAG H . 3.57 -6.97 -28.83
C7 NAG H . 9.57 -4.47 -27.42
C8 NAG H . 10.50 -3.32 -27.16
N2 NAG H . 8.38 -4.16 -27.96
O3 NAG H . 7.63 -4.85 -30.64
O4 NAG H . 4.73 -5.22 -30.96
O5 NAG H . 5.36 -6.21 -27.49
O6 NAG H . 3.27 -7.59 -27.58
O7 NAG H . 9.87 -5.62 -27.13
H1 NAG H . 5.89 -4.37 -27.06
H2 NAG H . 7.78 -6.01 -28.38
H3 NAG H . 6.32 -3.87 -29.53
H4 NAG H . 5.87 -6.61 -30.12
H5 NAG H . 4.14 -5.03 -28.51
H61 NAG H . 3.91 -7.64 -29.45
H62 NAG H . 2.75 -6.57 -29.19
H81 NAG H . 10.07 -2.69 -26.55
H82 NAG H . 10.70 -2.87 -28.00
H83 NAG H . 11.33 -3.66 -26.76
HN2 NAG H . 8.22 -3.28 -28.15
HO3 NAG H . 8.33 -4.35 -30.45
HO6 NAG H . 2.97 -6.98 -27.01
C1 NAG H . 4.39 -6.23 -31.93
C2 NAG H . 3.34 -5.62 -32.87
C3 NAG H . 3.02 -6.58 -34.02
C4 NAG H . 4.29 -7.07 -34.70
C5 NAG H . 5.22 -7.66 -33.65
C6 NAG H . 6.53 -8.15 -34.22
C7 NAG H . 2.01 -4.22 -31.35
C8 NAG H . 0.69 -4.05 -30.67
N2 NAG H . 2.13 -5.30 -32.13
O3 NAG H . 2.20 -5.90 -34.96
O4 NAG H . 3.98 -8.06 -35.67
O5 NAG H . 5.53 -6.65 -32.68
O6 NAG H . 7.58 -8.09 -33.25
O7 NAG H . 2.93 -3.42 -31.20
H1 NAG H . 4.00 -7.00 -31.47
H2 NAG H . 3.71 -4.80 -33.24
H3 NAG H . 2.53 -7.35 -33.66
H4 NAG H . 4.73 -6.32 -35.12
H5 NAG H . 4.77 -8.41 -33.21
H61 NAG H . 6.77 -7.59 -34.98
H62 NAG H . 6.43 -9.07 -34.52
H81 NAG H . 0.52 -4.82 -30.09
H82 NAG H . -0.02 -3.98 -31.34
H83 NAG H . 0.70 -3.24 -30.12
HN2 NAG H . 1.42 -5.86 -32.21
HO3 NAG H . 2.24 -5.03 -34.82
HO4 NAG H . 4.12 -7.72 -36.49
HO6 NAG H . 7.68 -7.25 -32.97
ZN ZN I . -21.31 -14.45 18.95
ZN ZN J . -21.16 -15.98 15.76
P PO4 K . -19.74 -17.22 18.43
O1 PO4 K . -20.50 -16.27 19.32
O2 PO4 K . -19.97 -18.66 18.85
O3 PO4 K . -20.23 -17.03 17.01
O4 PO4 K . -18.27 -16.88 18.57
ZN ZN L . 12.95 11.66 -12.60
ZN ZN M . 15.38 14.05 -11.49
C1 NAG N . 40.15 28.96 -12.55
C2 NAG N . 39.92 30.34 -13.18
C3 NAG N . 41.21 31.14 -13.18
C4 NAG N . 42.16 30.65 -12.10
C5 NAG N . 42.60 29.23 -12.43
C6 NAG N . 43.17 28.50 -11.25
C7 NAG N . 39.19 31.25 -15.35
C8 NAG N . 38.63 30.93 -16.69
N2 NAG N . 39.38 30.21 -14.52
O3 NAG N . 40.91 32.53 -12.97
O4 NAG N . 43.31 31.49 -12.03
O5 NAG N . 41.47 28.46 -12.90
O6 NAG N . 42.25 28.47 -10.16
O7 NAG N . 39.45 32.40 -15.00
H1 NAG N . 39.47 28.33 -12.89
H2 NAG N . 39.27 30.82 -12.63
H3 NAG N . 41.64 31.05 -14.05
H4 NAG N . 41.70 30.66 -11.24
H5 NAG N . 43.27 29.27 -13.13
H61 NAG N . 43.99 28.94 -10.96
H62 NAG N . 43.37 27.58 -11.50
H81 NAG N . 37.76 30.50 -16.60
H82 NAG N . 39.24 30.33 -17.17
H83 NAG N . 38.52 31.75 -17.21
HN2 NAG N . 39.17 29.38 -14.83
HO3 NAG N . 40.63 32.88 -13.73
HO4 NAG N . 43.57 31.56 -11.19
HO6 NAG N . 42.64 28.13 -9.45
P PO4 O . 12.68 14.99 -13.26
O1 PO4 O . 11.57 15.90 -12.78
O2 PO4 O . 13.89 15.12 -12.36
O3 PO4 O . 12.25 13.53 -13.30
O4 PO4 O . 12.97 15.43 -14.67
#